data_8TPP
#
_entry.id   8TPP
#
_cell.length_a   1.00
_cell.length_b   1.00
_cell.length_c   1.00
_cell.angle_alpha   90.00
_cell.angle_beta   90.00
_cell.angle_gamma   90.00
#
_symmetry.space_group_name_H-M   'P 1'
#
loop_
_entity.id
_entity.type
_entity.pdbx_description
1 polymer 'Lipid scramblase nhTMEM16'
2 non-polymer 'CALCIUM ION'
#
_entity_poly.entity_id   1
_entity_poly.type   'polypeptide(L)'
_entity_poly.pdbx_seq_one_letter_code
;GPSNLKDFSQPGSGQESNFGVDFVIHYKVPAAERDEAEAGFVQLIRALTTVGLATEVRHGENESLLVFVKVASPDLFAKQ
VYRARLGDWLHGVRVSAPHNDIAQALQDEPVVEAERLRLIYLMITKPHNEGGAGVTPTNAKWKHVESIFPLHSHSFNKEW
IKKWSSKYTLEQTDIDNIRDKFGESVAFYFAFLRSYFRFLVIPSAFGFGAWLLLGQFSYLYALLCGLWSVVFFEYWKKQE
VDLAVQWGVRGVSSIQQSRPEFEWEHEAEDPITGEPVKVYPPMKRVKTQLLQIPFALACVVALGALIVTCNSLEVFINEV
YSGPGKQYLGFLPTIFLVIGTPTISGVLMGAAEKLNAMENYATVDAHDAALIQKQFVLNFMTSYMALFFTAFVYIPFGHI
LHPFLNFWRATAQTLTFSEKELPTREFQINPAAISNQMFYFTVTAQIVNFATEVVVPYIKQQAFQKAKQLKSGSKVQEDH
EEEAEFLQRVREECTLEEYDVSGDYREMVMQFGYVAMFSVAWPLAACCFLVNNWVELRSDALKIAISSRRPIPWRTDSIG
PWLTALSFLSWLGSITSSAIVYLCSNSKNGTQGEASPLKAWGLLLSILFAEHFYLVVQLAVRFVLSKLDSPGLQKERKER
FQTKKRLLQENLGQDAAEEAAAPGIEHSEKITREALEEEARQASIRGHGTPEEMFWQRQRGMQETIEIGRRMIEQQLAAG
KNGKKSAPAVPSEKASA
;
_entity_poly.pdbx_strand_id   A,B
#
loop_
_chem_comp.id
_chem_comp.type
_chem_comp.name
_chem_comp.formula
CA non-polymer 'CALCIUM ION' 'Ca 2'
#
# COMPACT_ATOMS: atom_id res chain seq x y z
N SER A 17 -1.47 41.55 -27.81
CA SER A 17 -1.21 40.83 -26.57
C SER A 17 -2.09 41.35 -25.44
N ASN A 18 -1.95 40.75 -24.27
CA ASN A 18 -2.74 41.17 -23.12
C ASN A 18 -2.33 42.57 -22.67
N PHE A 19 -3.27 43.26 -22.02
CA PHE A 19 -3.02 44.57 -21.44
C PHE A 19 -2.72 44.49 -19.95
N GLY A 20 -2.05 43.44 -19.51
CA GLY A 20 -1.79 43.22 -18.11
C GLY A 20 -2.94 42.64 -17.33
N VAL A 21 -4.05 42.30 -18.01
CA VAL A 21 -5.22 41.80 -17.32
C VAL A 21 -4.95 40.41 -16.77
N ASP A 22 -5.29 40.19 -15.50
CA ASP A 22 -5.10 38.91 -14.85
C ASP A 22 -6.37 38.08 -14.76
N PHE A 23 -7.52 38.71 -14.55
CA PHE A 23 -8.77 37.97 -14.52
C PHE A 23 -9.90 38.83 -15.08
N VAL A 24 -10.91 38.13 -15.61
CA VAL A 24 -12.08 38.77 -16.21
C VAL A 24 -13.33 38.17 -15.60
N ILE A 25 -14.29 39.01 -15.24
CA ILE A 25 -15.57 38.59 -14.69
C ILE A 25 -16.67 39.08 -15.61
N HIS A 26 -17.60 38.19 -15.95
CA HIS A 26 -18.63 38.51 -16.94
C HIS A 26 -19.76 39.34 -16.32
N TYR A 27 -20.42 38.80 -15.30
CA TYR A 27 -21.46 39.50 -14.55
C TYR A 27 -22.57 40.03 -15.47
N LYS A 28 -23.29 39.08 -16.07
CA LYS A 28 -24.43 39.44 -16.92
C LYS A 28 -25.50 40.13 -16.09
N VAL A 29 -26.06 41.21 -16.64
CA VAL A 29 -27.07 41.99 -15.93
C VAL A 29 -28.35 42.01 -16.74
N PRO A 30 -29.27 41.07 -16.50
CA PRO A 30 -30.57 41.12 -17.19
C PRO A 30 -31.39 42.31 -16.71
N ALA A 31 -32.25 42.80 -17.60
CA ALA A 31 -33.10 43.93 -17.28
C ALA A 31 -34.21 43.58 -16.29
N ALA A 32 -34.44 42.29 -16.04
CA ALA A 32 -35.51 41.89 -15.12
C ALA A 32 -35.26 42.36 -13.69
N GLU A 33 -34.03 42.25 -13.19
CA GLU A 33 -33.69 42.67 -11.83
C GLU A 33 -32.68 43.80 -11.88
N ARG A 34 -32.93 44.76 -12.79
CA ARG A 34 -31.97 45.83 -13.06
C ARG A 34 -31.53 46.53 -11.78
N ASP A 35 -32.46 46.77 -10.87
CA ASP A 35 -32.09 47.34 -9.58
C ASP A 35 -31.24 46.36 -8.78
N GLU A 36 -31.78 45.17 -8.50
CA GLU A 36 -31.11 44.22 -7.62
C GLU A 36 -29.71 43.88 -8.16
N ALA A 37 -29.63 43.49 -9.43
CA ALA A 37 -28.33 43.23 -10.03
C ALA A 37 -27.39 44.40 -9.86
N GLU A 38 -27.88 45.62 -10.12
CA GLU A 38 -27.05 46.81 -9.93
C GLU A 38 -26.50 46.86 -8.51
N ALA A 39 -27.36 46.63 -7.51
CA ALA A 39 -26.88 46.59 -6.14
C ALA A 39 -25.74 45.59 -5.98
N GLY A 40 -25.94 44.38 -6.53
CA GLY A 40 -24.88 43.40 -6.47
C GLY A 40 -23.58 43.91 -7.08
N PHE A 41 -23.69 44.60 -8.22
CA PHE A 41 -22.51 45.19 -8.84
C PHE A 41 -21.76 46.06 -7.84
N VAL A 42 -22.49 46.94 -7.14
CA VAL A 42 -21.84 47.79 -6.14
C VAL A 42 -21.11 46.93 -5.13
N GLN A 43 -21.79 45.91 -4.60
CA GLN A 43 -21.15 45.03 -3.63
C GLN A 43 -19.90 44.41 -4.24
N LEU A 44 -19.99 43.98 -5.50
CA LEU A 44 -18.82 43.38 -6.14
C LEU A 44 -17.67 44.38 -6.20
N ILE A 45 -17.95 45.63 -6.57
CA ILE A 45 -16.87 46.60 -6.68
C ILE A 45 -16.29 46.90 -5.31
N ARG A 46 -17.04 46.60 -4.24
CA ARG A 46 -16.46 46.72 -2.92
C ARG A 46 -15.69 45.47 -2.54
N ALA A 47 -16.17 44.30 -2.94
CA ALA A 47 -15.52 43.05 -2.55
C ALA A 47 -14.12 42.94 -3.12
N LEU A 48 -13.86 43.59 -4.26
CA LEU A 48 -12.55 43.58 -4.87
C LEU A 48 -11.70 44.78 -4.43
N THR A 49 -12.24 45.64 -3.58
CA THR A 49 -11.51 46.81 -3.09
C THR A 49 -10.56 46.47 -1.95
N THR A 50 -11.04 45.73 -0.94
CA THR A 50 -10.22 45.46 0.24
C THR A 50 -9.00 44.60 -0.10
N VAL A 51 -9.14 43.66 -1.02
CA VAL A 51 -8.04 42.76 -1.33
C VAL A 51 -6.88 43.51 -1.97
N GLY A 52 -7.16 44.51 -2.80
CA GLY A 52 -6.11 45.28 -3.42
C GLY A 52 -5.95 45.00 -4.90
N LEU A 53 -7.06 44.75 -5.59
CA LEU A 53 -7.05 44.45 -7.01
C LEU A 53 -7.69 45.61 -7.76
N ALA A 54 -6.99 46.11 -8.79
CA ALA A 54 -7.51 47.21 -9.58
C ALA A 54 -8.58 46.69 -10.53
N THR A 55 -9.74 47.34 -10.53
CA THR A 55 -10.89 46.90 -11.31
C THR A 55 -11.25 47.94 -12.35
N GLU A 56 -11.46 47.49 -13.59
CA GLU A 56 -11.95 48.33 -14.65
C GLU A 56 -13.17 47.68 -15.30
N VAL A 57 -14.07 48.51 -15.83
CA VAL A 57 -15.34 48.05 -16.37
C VAL A 57 -15.40 48.40 -17.85
N ARG A 58 -15.92 47.46 -18.66
CA ARG A 58 -16.00 47.63 -20.10
C ARG A 58 -17.28 46.96 -20.59
N HIS A 59 -17.72 47.40 -21.77
CA HIS A 59 -18.93 46.89 -22.38
C HIS A 59 -18.79 45.41 -22.73
N GLY A 60 -19.89 44.68 -22.60
CA GLY A 60 -19.93 43.29 -22.98
C GLY A 60 -21.21 42.96 -23.72
N GLU A 61 -21.08 42.36 -24.90
CA GLU A 61 -22.24 42.04 -25.71
C GLU A 61 -23.16 41.05 -24.98
N ASN A 62 -24.36 40.88 -25.54
CA ASN A 62 -25.41 40.06 -24.92
C ASN A 62 -25.78 40.62 -23.54
N GLU A 63 -25.85 41.94 -23.44
CA GLU A 63 -26.20 42.66 -22.22
C GLU A 63 -25.41 42.12 -21.02
N SER A 64 -24.09 42.28 -21.11
CA SER A 64 -23.19 41.90 -20.03
C SER A 64 -22.26 43.06 -19.73
N LEU A 65 -21.39 42.89 -18.74
CA LEU A 65 -20.57 44.00 -18.27
C LEU A 65 -19.24 43.42 -17.80
N LEU A 66 -18.25 43.43 -18.69
CA LEU A 66 -16.99 42.74 -18.40
C LEU A 66 -16.13 43.59 -17.47
N VAL A 67 -15.70 43.00 -16.36
CA VAL A 67 -14.78 43.70 -15.46
C VAL A 67 -13.44 42.98 -15.47
N PHE A 68 -12.37 43.76 -15.54
CA PHE A 68 -11.01 43.27 -15.55
C PHE A 68 -10.35 43.60 -14.21
N VAL A 69 -9.70 42.59 -13.62
CA VAL A 69 -9.01 42.77 -12.35
C VAL A 69 -7.57 42.28 -12.49
N LYS A 70 -6.67 42.93 -11.75
CA LYS A 70 -5.26 42.57 -11.70
C LYS A 70 -4.69 43.12 -10.41
N VAL A 71 -3.66 42.44 -9.90
CA VAL A 71 -3.01 42.85 -8.66
C VAL A 71 -2.16 44.10 -8.93
N ALA A 72 -2.32 45.11 -8.08
CA ALA A 72 -1.61 46.38 -8.24
C ALA A 72 -0.43 46.50 -7.30
N SER A 73 -0.66 46.40 -5.99
CA SER A 73 0.41 46.61 -5.02
C SER A 73 1.23 45.34 -4.87
N PRO A 74 2.55 45.39 -5.13
CA PRO A 74 3.38 44.19 -4.95
C PRO A 74 3.46 43.71 -3.52
N ASP A 75 3.29 44.58 -2.52
CA ASP A 75 3.42 44.17 -1.13
C ASP A 75 2.33 43.18 -0.74
N LEU A 76 1.08 43.47 -1.12
CA LEU A 76 -0.01 42.56 -0.80
C LEU A 76 0.17 41.21 -1.49
N PHE A 77 0.58 41.21 -2.75
CA PHE A 77 0.82 39.95 -3.45
C PHE A 77 1.95 39.16 -2.81
N ALA A 78 3.02 39.86 -2.40
CA ALA A 78 4.13 39.17 -1.73
C ALA A 78 3.66 38.56 -0.41
N LYS A 79 2.84 39.29 0.34
CA LYS A 79 2.30 38.77 1.59
C LYS A 79 1.45 37.53 1.34
N GLN A 80 0.61 37.57 0.30
CA GLN A 80 -0.20 36.41 -0.03
C GLN A 80 0.66 35.22 -0.45
N VAL A 81 1.72 35.47 -1.21
CA VAL A 81 2.63 34.40 -1.62
C VAL A 81 3.29 33.78 -0.41
N TYR A 82 3.76 34.61 0.53
CA TYR A 82 4.38 34.09 1.74
C TYR A 82 3.38 33.29 2.57
N ARG A 83 2.14 33.77 2.66
CA ARG A 83 1.12 33.04 3.41
C ARG A 83 0.86 31.67 2.78
N ALA A 84 0.74 31.62 1.46
CA ALA A 84 0.52 30.34 0.79
C ALA A 84 1.71 29.40 0.98
N ARG A 85 2.93 29.94 0.90
CA ARG A 85 4.11 29.13 1.09
C ARG A 85 4.16 28.55 2.50
N LEU A 86 3.86 29.38 3.50
CA LEU A 86 3.81 28.89 4.87
C LEU A 86 2.73 27.83 5.05
N GLY A 87 1.57 28.04 4.42
CA GLY A 87 0.49 27.07 4.54
C GLY A 87 0.86 25.72 3.96
N ASP A 88 1.51 25.72 2.80
CA ASP A 88 1.89 24.44 2.21
C ASP A 88 3.08 23.81 2.93
N TRP A 89 3.96 24.63 3.51
CA TRP A 89 5.05 24.08 4.31
C TRP A 89 4.52 23.43 5.58
N LEU A 90 3.46 23.99 6.16
CA LEU A 90 2.90 23.42 7.38
C LEU A 90 2.32 22.04 7.13
N HIS A 91 1.75 21.80 5.95
CA HIS A 91 1.11 20.53 5.63
C HIS A 91 2.07 19.51 5.04
N GLY A 92 3.35 19.82 4.93
CA GLY A 92 4.33 18.88 4.42
C GLY A 92 4.49 18.88 2.91
N VAL A 93 3.79 19.77 2.20
CA VAL A 93 3.97 19.84 0.74
C VAL A 93 5.38 20.28 0.40
N ARG A 94 5.89 21.29 1.10
CA ARG A 94 7.23 21.82 0.87
C ARG A 94 8.16 21.32 1.98
N VAL A 95 9.29 20.74 1.58
CA VAL A 95 10.26 20.22 2.53
C VAL A 95 11.39 21.19 2.85
N SER A 96 11.61 22.19 1.98
CA SER A 96 12.69 23.14 2.19
C SER A 96 12.24 24.24 3.16
N ALA A 103 10.69 40.05 3.06
CA ALA A 103 9.80 39.44 2.09
C ALA A 103 10.42 39.43 0.69
N GLN A 104 11.69 39.05 0.62
CA GLN A 104 12.41 38.97 -0.64
C GLN A 104 12.51 37.55 -1.17
N ALA A 105 11.72 36.61 -0.63
CA ALA A 105 11.77 35.23 -1.07
C ALA A 105 11.28 35.04 -2.50
N LEU A 106 10.52 36.00 -3.04
CA LEU A 106 10.00 35.87 -4.40
C LEU A 106 11.13 35.76 -5.41
N GLN A 107 12.20 36.54 -5.23
CA GLN A 107 13.37 36.40 -6.09
C GLN A 107 14.12 35.11 -5.81
N ASP A 108 14.08 34.62 -4.56
CA ASP A 108 14.81 33.39 -4.22
C ASP A 108 14.19 32.18 -4.92
N GLU A 109 12.87 32.05 -4.86
CA GLU A 109 12.16 31.02 -5.61
C GLU A 109 11.31 31.70 -6.66
N PRO A 110 11.69 31.65 -7.94
CA PRO A 110 10.99 32.45 -8.95
C PRO A 110 9.52 32.08 -9.06
N VAL A 111 8.69 33.10 -9.26
CA VAL A 111 7.26 32.90 -9.39
C VAL A 111 6.94 32.48 -10.81
N VAL A 112 5.82 31.78 -10.98
CA VAL A 112 5.40 31.27 -12.28
C VAL A 112 3.98 31.73 -12.54
N GLU A 113 3.61 31.78 -13.82
CA GLU A 113 2.30 32.31 -14.21
C GLU A 113 1.17 31.47 -13.64
N ALA A 114 1.31 30.15 -13.66
CA ALA A 114 0.24 29.28 -13.17
C ALA A 114 -0.01 29.50 -11.69
N GLU A 115 1.05 29.51 -10.88
CA GLU A 115 0.89 29.67 -9.43
C GLU A 115 0.39 31.06 -9.09
N ARG A 116 0.88 32.09 -9.79
CA ARG A 116 0.40 33.44 -9.55
C ARG A 116 -1.08 33.57 -9.88
N LEU A 117 -1.51 33.02 -11.01
CA LEU A 117 -2.92 33.05 -11.36
C LEU A 117 -3.77 32.29 -10.34
N ARG A 118 -3.27 31.15 -9.87
CA ARG A 118 -4.01 30.39 -8.87
C ARG A 118 -4.15 31.20 -7.58
N LEU A 119 -3.07 31.88 -7.17
CA LEU A 119 -3.14 32.67 -5.95
C LEU A 119 -4.11 33.84 -6.09
N ILE A 120 -4.12 34.50 -7.26
CA ILE A 120 -5.07 35.58 -7.47
C ILE A 120 -6.50 35.05 -7.44
N TYR A 121 -6.73 33.90 -8.06
CA TYR A 121 -8.07 33.31 -8.04
C TYR A 121 -8.48 32.96 -6.62
N LEU A 122 -7.55 32.44 -5.81
CA LEU A 122 -7.86 32.15 -4.42
C LEU A 122 -8.20 33.43 -3.66
N MET A 123 -7.43 34.50 -3.88
CA MET A 123 -7.73 35.77 -3.24
C MET A 123 -9.12 36.26 -3.62
N ILE A 124 -9.51 36.05 -4.87
CA ILE A 124 -10.85 36.44 -5.31
C ILE A 124 -11.92 35.58 -4.65
N THR A 125 -11.63 34.28 -4.48
CA THR A 125 -12.66 33.32 -4.07
C THR A 125 -12.64 32.97 -2.59
N LYS A 126 -11.49 33.02 -1.93
CA LYS A 126 -11.40 32.57 -0.55
C LYS A 126 -12.26 33.46 0.36
N PRO A 127 -12.91 32.89 1.38
CA PRO A 127 -13.79 33.70 2.24
C PRO A 127 -13.07 34.76 3.05
N HIS A 128 -13.83 35.54 3.81
CA HIS A 128 -13.28 36.68 4.53
C HIS A 128 -12.29 36.26 5.59
N ASN A 129 -12.63 35.24 6.37
CA ASN A 129 -11.84 34.86 7.55
C ASN A 129 -10.56 34.11 7.20
N GLU A 130 -10.20 34.03 5.91
CA GLU A 130 -8.98 33.35 5.51
C GLU A 130 -8.07 34.24 4.65
N GLY A 131 -8.27 35.55 4.66
CA GLY A 131 -7.43 36.48 3.94
C GLY A 131 -8.00 36.93 2.61
N GLY A 132 -9.02 36.24 2.10
CA GLY A 132 -9.64 36.59 0.83
C GLY A 132 -10.95 37.33 1.02
N ALA A 133 -11.64 37.53 -0.11
CA ALA A 133 -12.96 38.16 -0.14
C ALA A 133 -13.85 37.29 -1.02
N GLY A 134 -14.48 36.29 -0.42
CA GLY A 134 -15.23 35.29 -1.16
C GLY A 134 -16.39 35.83 -1.98
N VAL A 135 -16.26 35.81 -3.31
CA VAL A 135 -17.29 36.29 -4.21
C VAL A 135 -17.64 35.15 -5.16
N THR A 136 -17.64 33.92 -4.63
CA THR A 136 -17.96 32.76 -5.46
C THR A 136 -19.35 32.93 -6.07
N PRO A 137 -19.56 32.48 -7.31
CA PRO A 137 -20.76 32.88 -8.06
C PRO A 137 -21.99 32.01 -7.85
N THR A 138 -22.00 31.16 -6.82
CA THR A 138 -23.06 30.17 -6.68
C THR A 138 -23.98 30.42 -5.49
N ASN A 139 -23.43 30.52 -4.28
CA ASN A 139 -24.27 30.49 -3.08
C ASN A 139 -24.70 31.86 -2.60
N ALA A 140 -23.85 32.87 -2.74
CA ALA A 140 -24.11 34.16 -2.12
C ALA A 140 -25.14 34.94 -2.93
N LYS A 141 -25.31 36.22 -2.56
CA LYS A 141 -26.29 37.07 -3.22
C LYS A 141 -25.95 37.31 -4.68
N TRP A 142 -24.66 37.44 -5.00
CA TRP A 142 -24.21 37.66 -6.37
C TRP A 142 -24.35 36.36 -7.16
N LYS A 143 -25.58 36.06 -7.54
CA LYS A 143 -25.87 34.95 -8.43
C LYS A 143 -25.74 35.33 -9.90
N HIS A 144 -25.59 36.62 -10.20
CA HIS A 144 -25.45 37.06 -11.58
C HIS A 144 -24.09 36.66 -12.17
N VAL A 145 -23.05 36.67 -11.33
CA VAL A 145 -21.73 36.21 -11.78
C VAL A 145 -21.84 34.76 -12.20
N GLU A 146 -21.28 34.43 -13.36
CA GLU A 146 -21.29 33.06 -13.83
C GLU A 146 -19.98 32.56 -14.41
N SER A 147 -18.97 33.41 -14.59
CA SER A 147 -17.72 32.96 -15.19
C SER A 147 -16.59 33.87 -14.73
N ILE A 148 -15.54 33.28 -14.17
CA ILE A 148 -14.29 33.97 -13.88
C ILE A 148 -13.18 33.17 -14.55
N PHE A 149 -12.52 33.78 -15.53
CA PHE A 149 -11.54 33.07 -16.35
C PHE A 149 -10.33 33.95 -16.59
N PRO A 150 -9.15 33.36 -16.73
CA PRO A 150 -7.97 34.11 -17.17
C PRO A 150 -8.02 34.32 -18.68
N LEU A 151 -6.99 34.97 -19.21
CA LEU A 151 -6.94 35.32 -20.62
C LEU A 151 -5.87 34.52 -21.34
N HIS A 152 -6.13 34.21 -22.61
CA HIS A 152 -5.21 33.43 -23.42
C HIS A 152 -4.07 34.29 -23.92
N SER A 153 -2.99 33.62 -24.34
CA SER A 153 -1.83 34.26 -24.94
C SER A 153 -1.69 33.75 -26.37
N HIS A 154 -1.92 34.63 -27.34
CA HIS A 154 -1.92 34.18 -28.73
C HIS A 154 -0.51 33.86 -29.22
N SER A 155 0.47 34.67 -28.85
CA SER A 155 1.84 34.42 -29.30
C SER A 155 2.35 33.08 -28.77
N PHE A 156 2.14 32.83 -27.48
CA PHE A 156 2.59 31.57 -26.90
C PHE A 156 1.84 30.39 -27.50
N ASN A 157 0.53 30.55 -27.74
CA ASN A 157 -0.23 29.46 -28.34
C ASN A 157 0.28 29.13 -29.74
N LYS A 158 0.53 30.16 -30.54
CA LYS A 158 1.03 29.93 -31.90
C LYS A 158 2.39 29.27 -31.87
N GLU A 159 3.29 29.75 -31.01
CA GLU A 159 4.61 29.13 -30.91
C GLU A 159 4.51 27.69 -30.43
N TRP A 160 3.64 27.42 -29.46
CA TRP A 160 3.48 26.08 -28.93
C TRP A 160 2.96 25.12 -30.01
N ILE A 161 1.95 25.55 -30.77
CA ILE A 161 1.41 24.70 -31.82
C ILE A 161 2.46 24.44 -32.89
N LYS A 162 3.18 25.50 -33.31
CA LYS A 162 4.20 25.34 -34.34
C LYS A 162 5.31 24.41 -33.88
N LYS A 163 5.73 24.52 -32.62
CA LYS A 163 6.80 23.67 -32.12
C LYS A 163 6.34 22.22 -32.00
N TRP A 164 5.13 21.99 -31.49
CA TRP A 164 4.68 20.63 -31.30
C TRP A 164 4.29 19.94 -32.60
N SER A 165 3.96 20.70 -33.65
CA SER A 165 3.60 20.09 -34.92
C SER A 165 4.80 19.81 -35.82
N SER A 166 6.02 20.11 -35.37
CA SER A 166 7.21 19.89 -36.17
C SER A 166 8.28 19.11 -35.42
N LYS A 167 7.89 18.22 -34.52
CA LYS A 167 8.82 17.36 -33.80
C LYS A 167 8.28 15.93 -33.78
N TYR A 168 9.18 14.96 -33.80
CA TYR A 168 8.76 13.57 -33.74
C TYR A 168 8.37 13.17 -32.32
N THR A 169 9.01 13.75 -31.32
CA THR A 169 8.74 13.45 -29.92
C THR A 169 8.79 14.73 -29.11
N LEU A 170 8.27 14.65 -27.89
CA LEU A 170 8.30 15.77 -26.94
C LEU A 170 9.16 15.40 -25.75
N GLU A 171 10.16 16.23 -25.47
CA GLU A 171 11.05 16.01 -24.36
C GLU A 171 10.44 16.59 -23.07
N GLN A 172 11.12 16.39 -21.95
CA GLN A 172 10.61 16.85 -20.67
C GLN A 172 10.50 18.37 -20.61
N THR A 173 11.27 19.09 -21.44
CA THR A 173 11.23 20.56 -21.40
C THR A 173 9.86 21.08 -21.83
N ASP A 174 9.25 20.45 -22.84
CA ASP A 174 7.93 20.91 -23.28
C ASP A 174 6.87 20.66 -22.22
N ILE A 175 6.92 19.52 -21.54
CA ILE A 175 5.98 19.26 -20.45
C ILE A 175 6.21 20.23 -19.31
N ASP A 176 7.47 20.57 -19.04
CA ASP A 176 7.75 21.57 -18.01
C ASP A 176 7.20 22.94 -18.39
N ASN A 177 7.31 23.32 -19.66
CA ASN A 177 6.72 24.58 -20.11
C ASN A 177 5.19 24.56 -19.96
N ILE A 178 4.57 23.43 -20.29
CA ILE A 178 3.14 23.29 -20.10
C ILE A 178 2.77 23.44 -18.63
N ARG A 179 3.57 22.83 -17.74
CA ARG A 179 3.32 22.97 -16.32
C ARG A 179 3.47 24.43 -15.87
N ASP A 180 4.47 25.12 -16.40
CA ASP A 180 4.68 26.52 -16.04
C ASP A 180 3.51 27.38 -16.46
N LYS A 181 2.96 27.14 -17.65
CA LYS A 181 1.94 28.03 -18.19
C LYS A 181 0.53 27.64 -17.76
N PHE A 182 0.10 26.43 -18.10
CA PHE A 182 -1.30 26.04 -17.96
C PHE A 182 -1.63 25.33 -16.66
N GLY A 183 -0.66 25.16 -15.76
CA GLY A 183 -0.93 24.54 -14.47
C GLY A 183 -0.40 23.12 -14.40
N GLU A 184 -0.82 22.43 -13.33
CA GLU A 184 -0.34 21.08 -13.07
C GLU A 184 -1.23 19.99 -13.63
N SER A 185 -2.55 20.18 -13.65
CA SER A 185 -3.45 19.14 -14.15
C SER A 185 -3.21 18.86 -15.63
N VAL A 186 -3.11 19.91 -16.43
CA VAL A 186 -2.88 19.75 -17.87
C VAL A 186 -1.52 19.10 -18.11
N ALA A 187 -0.51 19.51 -17.33
CA ALA A 187 0.82 18.93 -17.48
C ALA A 187 0.81 17.45 -17.15
N PHE A 188 0.13 17.06 -16.08
CA PHE A 188 0.03 15.64 -15.75
C PHE A 188 -0.69 14.87 -16.83
N TYR A 189 -1.78 15.43 -17.37
CA TYR A 189 -2.48 14.73 -18.43
C TYR A 189 -1.59 14.53 -19.65
N PHE A 190 -0.85 15.57 -20.04
CA PHE A 190 0.00 15.45 -21.21
C PHE A 190 1.15 14.48 -20.99
N ALA A 191 1.72 14.48 -19.78
CA ALA A 191 2.77 13.51 -19.47
C ALA A 191 2.23 12.08 -19.52
N PHE A 192 1.03 11.87 -18.98
CA PHE A 192 0.43 10.53 -19.02
C PHE A 192 0.17 10.11 -20.46
N LEU A 193 -0.35 11.02 -21.28
CA LEU A 193 -0.59 10.68 -22.68
C LEU A 193 0.70 10.36 -23.41
N ARG A 194 1.76 11.12 -23.15
CA ARG A 194 3.04 10.85 -23.80
C ARG A 194 3.59 9.50 -23.38
N SER A 195 3.53 9.18 -22.08
CA SER A 195 4.01 7.88 -21.62
C SER A 195 3.19 6.75 -22.21
N TYR A 196 1.87 6.92 -22.29
CA TYR A 196 1.01 5.90 -22.88
C TYR A 196 1.34 5.70 -24.36
N PHE A 197 1.54 6.79 -25.10
CA PHE A 197 1.87 6.68 -26.51
C PHE A 197 3.20 6.00 -26.71
N ARG A 198 4.19 6.32 -25.87
CA ARG A 198 5.51 5.70 -26.02
C ARG A 198 5.49 4.23 -25.62
N PHE A 199 4.64 3.85 -24.66
CA PHE A 199 4.54 2.46 -24.26
C PHE A 199 3.66 1.64 -25.19
N LEU A 200 2.83 2.29 -26.01
CA LEU A 200 1.97 1.56 -26.93
C LEU A 200 2.74 0.95 -28.09
N VAL A 201 4.03 1.26 -28.24
CA VAL A 201 4.81 0.71 -29.35
C VAL A 201 4.94 -0.81 -29.22
N ILE A 202 5.21 -1.29 -28.00
CA ILE A 202 5.41 -2.73 -27.82
C ILE A 202 4.15 -3.54 -28.17
N PRO A 203 2.94 -3.18 -27.71
CA PRO A 203 1.75 -3.93 -28.15
C PRO A 203 1.57 -3.91 -29.66
N SER A 204 1.93 -2.80 -30.31
CA SER A 204 1.78 -2.72 -31.76
C SER A 204 2.71 -3.70 -32.46
N ALA A 205 3.98 -3.74 -32.06
CA ALA A 205 4.91 -4.69 -32.66
C ALA A 205 4.50 -6.13 -32.37
N PHE A 206 4.05 -6.39 -31.15
CA PHE A 206 3.60 -7.73 -30.79
C PHE A 206 2.40 -8.16 -31.63
N GLY A 207 1.45 -7.24 -31.81
CA GLY A 207 0.28 -7.56 -32.61
C GLY A 207 0.62 -7.76 -34.08
N PHE A 208 1.53 -6.95 -34.61
CA PHE A 208 1.97 -7.16 -35.99
C PHE A 208 2.64 -8.52 -36.14
N GLY A 209 3.50 -8.89 -35.18
CA GLY A 209 4.13 -10.19 -35.25
C GLY A 209 3.14 -11.34 -35.15
N ALA A 210 2.14 -11.21 -34.29
CA ALA A 210 1.13 -12.25 -34.17
C ALA A 210 0.25 -12.34 -35.40
N TRP A 211 -0.06 -11.21 -36.02
CA TRP A 211 -0.91 -11.21 -37.20
C TRP A 211 -0.17 -11.70 -38.44
N LEU A 212 1.14 -11.48 -38.51
CA LEU A 212 1.89 -11.88 -39.69
C LEU A 212 2.11 -13.38 -39.76
N LEU A 213 2.41 -14.02 -38.64
CA LEU A 213 2.77 -15.44 -38.69
C LEU A 213 1.99 -16.31 -37.73
N LEU A 214 1.65 -15.81 -36.54
CA LEU A 214 1.08 -16.66 -35.50
C LEU A 214 -0.34 -17.10 -35.80
N GLY A 215 -1.05 -16.39 -36.68
CA GLY A 215 -2.40 -16.79 -37.02
C GLY A 215 -3.47 -15.94 -36.33
N GLN A 216 -4.32 -16.58 -35.54
CA GLN A 216 -5.39 -15.88 -34.84
C GLN A 216 -5.69 -16.58 -33.53
N PHE A 217 -6.08 -15.78 -32.52
CA PHE A 217 -6.49 -16.28 -31.21
C PHE A 217 -5.39 -17.13 -30.57
N SER A 218 -4.29 -16.46 -30.27
CA SER A 218 -3.11 -17.09 -29.67
C SER A 218 -3.04 -16.78 -28.18
N TYR A 219 -2.81 -17.81 -27.38
CA TYR A 219 -2.67 -17.63 -25.93
C TYR A 219 -1.44 -16.79 -25.60
N LEU A 220 -0.37 -16.96 -26.38
CA LEU A 220 0.86 -16.21 -26.13
C LEU A 220 0.61 -14.71 -26.22
N TYR A 221 -0.18 -14.27 -27.20
CA TYR A 221 -0.48 -12.85 -27.31
C TYR A 221 -1.24 -12.34 -26.11
N ALA A 222 -2.18 -13.14 -25.60
CA ALA A 222 -2.92 -12.73 -24.40
C ALA A 222 -1.99 -12.57 -23.20
N LEU A 223 -1.08 -13.53 -23.00
CA LEU A 223 -0.14 -13.42 -21.90
C LEU A 223 0.75 -12.20 -22.06
N LEU A 224 1.22 -11.94 -23.27
CA LEU A 224 2.07 -10.78 -23.51
C LEU A 224 1.32 -9.48 -23.26
N CYS A 225 0.04 -9.42 -23.66
CA CYS A 225 -0.76 -8.22 -23.38
C CYS A 225 -0.93 -8.00 -21.88
N GLY A 226 -1.20 -9.08 -21.13
CA GLY A 226 -1.31 -8.93 -19.69
C GLY A 226 -0.02 -8.42 -19.06
N LEU A 227 1.11 -9.00 -19.46
CA LEU A 227 2.39 -8.55 -18.94
C LEU A 227 2.66 -7.09 -19.29
N TRP A 228 2.36 -6.70 -20.52
CA TRP A 228 2.57 -5.31 -20.93
C TRP A 228 1.71 -4.36 -20.11
N SER A 229 0.45 -4.72 -19.88
CA SER A 229 -0.42 -3.86 -19.08
C SER A 229 0.13 -3.69 -17.68
N VAL A 230 0.58 -4.78 -17.06
CA VAL A 230 1.13 -4.68 -15.70
C VAL A 230 2.36 -3.77 -15.70
N VAL A 231 3.27 -3.99 -16.65
CA VAL A 231 4.51 -3.22 -16.69
C VAL A 231 4.21 -1.74 -16.90
N PHE A 232 3.31 -1.43 -17.83
CA PHE A 232 2.97 -0.04 -18.09
C PHE A 232 2.36 0.62 -16.87
N PHE A 233 1.45 -0.07 -16.19
CA PHE A 233 0.81 0.53 -15.02
C PHE A 233 1.83 0.83 -13.93
N GLU A 234 2.70 -0.13 -13.62
CA GLU A 234 3.67 0.09 -12.56
C GLU A 234 4.68 1.18 -12.93
N TYR A 235 5.15 1.18 -14.18
CA TYR A 235 6.08 2.21 -14.59
C TYR A 235 5.43 3.59 -14.56
N TRP A 236 4.15 3.69 -14.92
CA TRP A 236 3.48 4.97 -14.84
C TRP A 236 3.35 5.43 -13.40
N LYS A 237 3.06 4.51 -12.48
CA LYS A 237 3.00 4.90 -11.07
C LYS A 237 4.34 5.46 -10.60
N LYS A 238 5.43 4.78 -10.94
CA LYS A 238 6.75 5.27 -10.56
C LYS A 238 7.04 6.64 -11.18
N GLN A 239 6.73 6.80 -12.47
CA GLN A 239 7.01 8.06 -13.14
C GLN A 239 6.18 9.20 -12.55
N GLU A 240 4.92 8.93 -12.19
CA GLU A 240 4.10 9.98 -11.60
C GLU A 240 4.58 10.35 -10.22
N VAL A 241 5.07 9.38 -9.44
CA VAL A 241 5.67 9.72 -8.14
C VAL A 241 6.88 10.62 -8.34
N ASP A 242 7.73 10.28 -9.31
CA ASP A 242 8.92 11.10 -9.57
C ASP A 242 8.53 12.50 -10.03
N LEU A 243 7.54 12.61 -10.91
CA LEU A 243 7.10 13.92 -11.38
C LEU A 243 6.51 14.75 -10.26
N ALA A 244 5.70 14.14 -9.40
CA ALA A 244 5.12 14.86 -8.28
C ALA A 244 6.20 15.37 -7.34
N VAL A 245 7.24 14.56 -7.08
CA VAL A 245 8.33 15.01 -6.24
C VAL A 245 9.09 16.16 -6.91
N GLN A 246 9.33 16.06 -8.21
CA GLN A 246 10.15 17.05 -8.91
C GLN A 246 9.50 18.43 -8.89
N TRP A 247 8.18 18.49 -9.07
CA TRP A 247 7.49 19.77 -9.14
C TRP A 247 7.14 20.33 -7.77
N GLY A 248 7.51 19.65 -6.69
CA GLY A 248 7.20 20.14 -5.37
C GLY A 248 5.73 20.17 -5.04
N VAL A 249 4.95 19.25 -5.60
CA VAL A 249 3.53 19.15 -5.33
C VAL A 249 3.22 17.76 -4.80
N ARG A 250 4.17 17.17 -4.08
CA ARG A 250 3.98 15.84 -3.52
C ARG A 250 3.23 15.94 -2.21
N GLY A 251 2.03 15.36 -2.19
CA GLY A 251 1.20 15.38 -1.00
C GLY A 251 0.10 16.42 -0.98
N VAL A 252 -0.14 17.12 -2.09
CA VAL A 252 -1.23 18.09 -2.13
C VAL A 252 -2.60 17.42 -2.04
N SER A 253 -2.69 16.13 -2.38
CA SER A 253 -3.96 15.42 -2.27
C SER A 253 -4.45 15.33 -0.84
N SER A 254 -3.56 15.45 0.15
CA SER A 254 -3.95 15.36 1.55
C SER A 254 -4.59 16.64 2.07
N ILE A 255 -4.49 17.73 1.33
CA ILE A 255 -5.10 19.00 1.73
C ILE A 255 -6.53 19.04 1.23
N GLN A 256 -7.48 19.25 2.14
CA GLN A 256 -8.90 19.30 1.78
C GLN A 256 -9.32 20.72 1.45
N GLN A 257 -10.10 20.85 0.38
CA GLN A 257 -10.64 22.13 -0.04
C GLN A 257 -12.15 22.10 0.08
N SER A 258 -12.71 23.05 0.83
CA SER A 258 -14.14 23.06 1.07
C SER A 258 -14.90 23.50 -0.18
N ARG A 259 -16.05 22.88 -0.41
CA ARG A 259 -16.87 23.18 -1.58
C ARG A 259 -17.83 24.32 -1.25
N PRO A 260 -17.80 25.42 -2.00
CA PRO A 260 -18.73 26.54 -1.70
C PRO A 260 -20.20 26.16 -1.79
N GLU A 261 -20.55 25.21 -2.66
CA GLU A 261 -21.94 24.82 -2.84
C GLU A 261 -22.44 23.86 -1.78
N PHE A 262 -21.58 23.41 -0.88
CA PHE A 262 -21.96 22.47 0.16
C PHE A 262 -23.03 23.07 1.06
N GLU A 263 -24.06 22.31 1.35
CA GLU A 263 -25.16 22.77 2.21
C GLU A 263 -25.11 22.05 3.54
N TRP A 264 -25.44 22.77 4.61
CA TRP A 264 -25.42 22.21 5.95
C TRP A 264 -26.76 22.47 6.62
N GLU A 265 -27.11 21.59 7.55
CA GLU A 265 -28.33 21.73 8.33
C GLU A 265 -28.00 22.08 9.77
N HIS A 266 -27.14 21.26 10.38
CA HIS A 266 -26.71 21.50 11.76
C HIS A 266 -25.22 21.82 11.78
N GLU A 267 -24.83 22.75 12.65
CA GLU A 267 -23.44 23.19 12.76
C GLU A 267 -22.91 22.82 14.14
N ALA A 268 -21.75 22.18 14.18
CA ALA A 268 -21.11 21.74 15.42
C ALA A 268 -19.68 22.28 15.49
N GLU A 269 -18.96 21.83 16.50
CA GLU A 269 -17.58 22.24 16.70
C GLU A 269 -16.61 21.08 16.45
N GLU A 275 -12.10 24.28 16.20
CA GLU A 275 -12.62 24.91 15.00
C GLU A 275 -14.01 24.37 14.66
N PRO A 276 -14.92 25.26 14.25
CA PRO A 276 -16.28 24.83 13.88
C PRO A 276 -16.32 24.40 12.43
N VAL A 277 -16.89 23.21 12.18
CA VAL A 277 -17.05 22.67 10.84
C VAL A 277 -18.50 22.23 10.66
N LYS A 278 -19.08 22.52 9.50
CA LYS A 278 -20.44 22.13 9.21
C LYS A 278 -20.52 20.61 9.03
N VAL A 279 -21.61 20.02 9.51
CA VAL A 279 -21.82 18.58 9.46
C VAL A 279 -23.14 18.29 8.76
N TYR A 280 -23.12 17.35 7.83
CA TYR A 280 -24.31 16.91 7.11
C TYR A 280 -24.73 15.54 7.62
N PRO A 281 -26.01 15.32 7.89
CA PRO A 281 -26.46 14.01 8.37
C PRO A 281 -26.17 12.93 7.34
N PRO A 282 -25.32 11.96 7.69
CA PRO A 282 -24.94 10.92 6.71
C PRO A 282 -26.11 10.10 6.21
N MET A 283 -27.20 10.01 6.98
CA MET A 283 -28.35 9.21 6.56
C MET A 283 -28.95 9.75 5.28
N LYS A 284 -29.05 11.08 5.15
CA LYS A 284 -29.56 11.66 3.91
C LYS A 284 -28.62 11.37 2.74
N ARG A 285 -27.31 11.41 2.99
CA ARG A 285 -26.36 11.10 1.93
C ARG A 285 -26.51 9.66 1.46
N VAL A 286 -26.67 8.72 2.38
CA VAL A 286 -26.85 7.32 1.98
C VAL A 286 -28.20 7.14 1.28
N LYS A 287 -29.23 7.85 1.74
CA LYS A 287 -30.53 7.77 1.08
C LYS A 287 -30.44 8.25 -0.36
N THR A 288 -29.70 9.33 -0.62
CA THR A 288 -29.53 9.80 -1.98
C THR A 288 -28.63 8.85 -2.77
N GLN A 289 -27.63 8.26 -2.13
CA GLN A 289 -26.72 7.36 -2.82
C GLN A 289 -27.45 6.11 -3.31
N LEU A 290 -28.38 5.58 -2.52
CA LEU A 290 -29.11 4.39 -2.93
C LEU A 290 -29.98 4.61 -4.16
N LEU A 291 -30.22 5.86 -4.55
CA LEU A 291 -30.92 6.13 -5.80
C LEU A 291 -30.09 5.74 -7.01
N GLN A 292 -28.78 5.53 -6.84
CA GLN A 292 -27.92 5.15 -7.96
C GLN A 292 -28.28 3.78 -8.52
N ILE A 293 -28.64 2.83 -7.66
CA ILE A 293 -28.90 1.46 -8.12
C ILE A 293 -30.03 1.39 -9.14
N PRO A 294 -31.21 1.99 -8.90
CA PRO A 294 -32.24 1.97 -9.95
C PRO A 294 -31.79 2.63 -11.25
N PHE A 295 -30.97 3.68 -11.15
CA PHE A 295 -30.44 4.32 -12.34
C PHE A 295 -29.58 3.35 -13.15
N ALA A 296 -28.67 2.65 -12.48
CA ALA A 296 -27.82 1.69 -13.17
C ALA A 296 -28.63 0.55 -13.76
N LEU A 297 -29.62 0.05 -13.02
CA LEU A 297 -30.44 -1.05 -13.53
C LEU A 297 -31.21 -0.63 -14.77
N ALA A 298 -31.83 0.55 -14.73
CA ALA A 298 -32.58 1.03 -15.89
C ALA A 298 -31.66 1.25 -17.08
N CYS A 299 -30.49 1.83 -16.85
CA CYS A 299 -29.55 2.07 -17.94
C CYS A 299 -29.12 0.76 -18.58
N VAL A 300 -28.75 -0.23 -17.76
CA VAL A 300 -28.25 -1.48 -18.31
C VAL A 300 -29.37 -2.23 -19.02
N VAL A 301 -30.59 -2.19 -18.50
CA VAL A 301 -31.70 -2.88 -19.14
C VAL A 301 -32.00 -2.25 -20.50
N ALA A 302 -32.08 -0.91 -20.55
CA ALA A 302 -32.39 -0.24 -21.80
C ALA A 302 -31.29 -0.47 -22.83
N LEU A 303 -30.03 -0.33 -22.42
CA LEU A 303 -28.94 -0.50 -23.37
C LEU A 303 -28.84 -1.95 -23.85
N GLY A 304 -29.08 -2.91 -22.95
CA GLY A 304 -29.07 -4.30 -23.36
C GLY A 304 -30.18 -4.62 -24.35
N ALA A 305 -31.37 -4.07 -24.11
CA ALA A 305 -32.45 -4.24 -25.07
C ALA A 305 -32.07 -3.64 -26.42
N LEU A 306 -31.45 -2.46 -26.41
CA LEU A 306 -31.07 -1.82 -27.66
C LEU A 306 -30.05 -2.67 -28.43
N ILE A 307 -29.01 -3.15 -27.75
CA ILE A 307 -27.96 -3.89 -28.45
C ILE A 307 -28.51 -5.24 -28.93
N VAL A 308 -29.37 -5.87 -28.12
CA VAL A 308 -29.95 -7.14 -28.54
C VAL A 308 -30.83 -6.94 -29.78
N THR A 309 -31.62 -5.86 -29.80
CA THR A 309 -32.44 -5.59 -30.98
C THR A 309 -31.58 -5.32 -32.20
N CYS A 310 -30.49 -4.57 -32.04
CA CYS A 310 -29.61 -4.29 -33.17
C CYS A 310 -28.99 -5.57 -33.70
N ASN A 311 -28.52 -6.44 -32.80
CA ASN A 311 -27.90 -7.70 -33.22
C ASN A 311 -28.92 -8.61 -33.89
N SER A 312 -30.15 -8.64 -33.38
CA SER A 312 -31.19 -9.44 -34.02
C SER A 312 -31.49 -8.94 -35.43
N LEU A 313 -31.55 -7.62 -35.59
CA LEU A 313 -31.76 -7.06 -36.93
C LEU A 313 -30.62 -7.39 -37.86
N GLU A 314 -29.38 -7.32 -37.35
CA GLU A 314 -28.23 -7.67 -38.18
C GLU A 314 -28.27 -9.14 -38.60
N VAL A 315 -28.63 -10.04 -37.67
CA VAL A 315 -28.69 -11.45 -38.00
C VAL A 315 -29.81 -11.74 -38.99
N PHE A 316 -30.96 -11.06 -38.83
CA PHE A 316 -32.05 -11.23 -39.78
C PHE A 316 -31.66 -10.74 -41.17
N ILE A 317 -30.95 -9.61 -41.24
CA ILE A 317 -30.49 -9.12 -42.54
C ILE A 317 -29.50 -10.11 -43.15
N ASN A 318 -28.63 -10.69 -42.33
CA ASN A 318 -27.70 -11.69 -42.82
C ASN A 318 -28.42 -12.91 -43.36
N GLU A 319 -29.47 -13.36 -42.68
CA GLU A 319 -30.19 -14.56 -43.09
C GLU A 319 -30.86 -14.38 -44.44
N VAL A 320 -31.48 -13.22 -44.66
CA VAL A 320 -32.16 -12.96 -45.93
C VAL A 320 -31.20 -12.30 -46.91
N LEU A 332 -24.27 -2.97 -41.11
CA LEU A 332 -24.85 -1.63 -41.14
C LEU A 332 -25.54 -1.22 -39.82
N PRO A 333 -26.36 -2.10 -39.23
CA PRO A 333 -26.96 -1.72 -37.92
C PRO A 333 -25.93 -1.42 -36.85
N THR A 334 -24.81 -2.15 -36.83
CA THR A 334 -23.74 -1.85 -35.90
C THR A 334 -23.16 -0.46 -36.16
N ILE A 335 -22.99 -0.10 -37.44
CA ILE A 335 -22.51 1.23 -37.79
C ILE A 335 -23.49 2.30 -37.33
N PHE A 336 -24.78 2.04 -37.51
CA PHE A 336 -25.79 2.99 -37.05
C PHE A 336 -25.75 3.15 -35.53
N LEU A 337 -25.56 2.05 -34.81
CA LEU A 337 -25.44 2.13 -33.35
C LEU A 337 -24.21 2.94 -32.95
N VAL A 338 -23.08 2.71 -33.63
CA VAL A 338 -21.85 3.41 -33.29
C VAL A 338 -22.00 4.91 -33.58
N ILE A 339 -22.70 5.25 -34.65
CA ILE A 339 -22.86 6.66 -34.99
C ILE A 339 -23.96 7.32 -34.18
N GLY A 340 -24.85 6.56 -33.55
CA GLY A 340 -25.94 7.14 -32.79
C GLY A 340 -25.79 7.07 -31.29
N THR A 341 -24.78 6.37 -30.79
CA THR A 341 -24.59 6.29 -29.35
C THR A 341 -24.16 7.59 -28.65
N PRO A 342 -23.45 8.53 -29.29
CA PRO A 342 -23.02 9.72 -28.54
C PRO A 342 -24.16 10.53 -27.95
N THR A 343 -25.31 10.60 -28.61
CA THR A 343 -26.43 11.36 -28.07
C THR A 343 -26.95 10.75 -26.77
N ILE A 344 -27.16 9.43 -26.77
CA ILE A 344 -27.60 8.74 -25.56
C ILE A 344 -26.54 8.87 -24.48
N SER A 345 -25.26 8.78 -24.86
CA SER A 345 -24.20 8.94 -23.88
C SER A 345 -24.24 10.32 -23.24
N GLY A 346 -24.46 11.36 -24.04
CA GLY A 346 -24.54 12.70 -23.48
C GLY A 346 -25.74 12.89 -22.58
N VAL A 347 -26.89 12.32 -22.96
CA VAL A 347 -28.07 12.42 -22.11
C VAL A 347 -27.83 11.75 -20.77
N LEU A 348 -27.28 10.53 -20.79
CA LEU A 348 -26.99 9.85 -19.53
C LEU A 348 -25.92 10.58 -18.74
N MET A 349 -24.96 11.23 -19.40
CA MET A 349 -23.94 11.97 -18.68
C MET A 349 -24.54 13.16 -17.96
N GLY A 350 -25.45 13.88 -18.63
CA GLY A 350 -26.14 14.98 -17.96
C GLY A 350 -26.96 14.50 -16.78
N ALA A 351 -27.65 13.36 -16.94
CA ALA A 351 -28.41 12.82 -15.81
C ALA A 351 -27.50 12.46 -14.65
N ALA A 352 -26.35 11.85 -14.93
CA ALA A 352 -25.42 11.48 -13.86
C ALA A 352 -24.87 12.71 -13.16
N GLU A 353 -24.54 13.76 -13.91
CA GLU A 353 -24.03 14.98 -13.29
C GLU A 353 -25.11 15.64 -12.44
N LYS A 354 -26.37 15.61 -12.89
CA LYS A 354 -27.45 16.14 -12.07
C LYS A 354 -27.62 15.35 -10.78
N LEU A 355 -27.54 14.02 -10.86
CA LEU A 355 -27.64 13.21 -9.66
C LEU A 355 -26.49 13.50 -8.70
N ASN A 356 -25.28 13.67 -9.23
CA ASN A 356 -24.14 13.99 -8.37
C ASN A 356 -24.31 15.34 -7.72
N ALA A 357 -24.85 16.32 -8.44
CA ALA A 357 -25.11 17.63 -7.85
C ALA A 357 -26.16 17.53 -6.74
N MET A 358 -27.20 16.73 -6.96
CA MET A 358 -28.23 16.56 -5.93
C MET A 358 -27.66 15.93 -4.68
N GLU A 359 -26.80 14.93 -4.84
CA GLU A 359 -26.13 14.29 -3.71
C GLU A 359 -25.08 15.24 -3.15
N ASN A 360 -25.34 15.79 -1.97
CA ASN A 360 -24.46 16.82 -1.42
C ASN A 360 -23.10 16.25 -1.04
N TYR A 361 -22.05 16.98 -1.39
CA TYR A 361 -20.68 16.60 -1.07
C TYR A 361 -19.96 17.78 -0.45
N ALA A 362 -19.19 17.50 0.61
CA ALA A 362 -18.57 18.57 1.38
C ALA A 362 -17.20 18.98 0.86
N THR A 363 -16.50 18.11 0.14
CA THR A 363 -15.15 18.40 -0.32
C THR A 363 -15.06 18.23 -1.83
N VAL A 364 -14.11 18.94 -2.43
CA VAL A 364 -13.95 18.91 -3.88
C VAL A 364 -13.48 17.54 -4.35
N ASP A 365 -12.50 16.95 -3.64
CA ASP A 365 -11.93 15.69 -4.09
C ASP A 365 -12.97 14.57 -4.08
N ALA A 366 -13.80 14.50 -3.03
CA ALA A 366 -14.82 13.46 -2.97
C ALA A 366 -15.85 13.63 -4.08
N HIS A 367 -16.27 14.86 -4.34
CA HIS A 367 -17.23 15.12 -5.41
C HIS A 367 -16.65 14.74 -6.76
N ASP A 368 -15.39 15.09 -7.01
CA ASP A 368 -14.76 14.73 -8.26
C ASP A 368 -14.63 13.22 -8.40
N ALA A 369 -14.28 12.53 -7.31
CA ALA A 369 -14.15 11.08 -7.36
C ALA A 369 -15.48 10.41 -7.67
N ALA A 370 -16.56 10.88 -7.03
CA ALA A 370 -17.87 10.29 -7.29
C ALA A 370 -18.30 10.53 -8.74
N LEU A 371 -18.10 11.76 -9.24
CA LEU A 371 -18.45 12.05 -10.61
C LEU A 371 -17.65 11.19 -11.59
N ILE A 372 -16.36 11.02 -11.32
CA ILE A 372 -15.51 10.22 -12.19
C ILE A 372 -15.95 8.77 -12.18
N GLN A 373 -16.33 8.24 -10.99
CA GLN A 373 -16.81 6.87 -10.92
C GLN A 373 -18.07 6.68 -11.75
N LYS A 374 -19.02 7.61 -11.63
CA LYS A 374 -20.24 7.51 -12.43
C LYS A 374 -19.94 7.58 -13.92
N GLN A 375 -19.06 8.51 -14.33
CA GLN A 375 -18.69 8.63 -15.73
C GLN A 375 -18.08 7.33 -16.23
N PHE A 376 -17.17 6.75 -15.46
CA PHE A 376 -16.50 5.53 -15.89
C PHE A 376 -17.47 4.37 -16.01
N VAL A 377 -18.39 4.23 -15.05
CA VAL A 377 -19.36 3.14 -15.13
C VAL A 377 -20.21 3.26 -16.38
N LEU A 378 -20.75 4.45 -16.61
CA LEU A 378 -21.63 4.63 -17.78
C LEU A 378 -20.88 4.39 -19.08
N ASN A 379 -19.68 4.96 -19.20
CA ASN A 379 -18.92 4.81 -20.43
C ASN A 379 -18.48 3.37 -20.65
N PHE A 380 -18.07 2.68 -19.58
CA PHE A 380 -17.72 1.27 -19.67
C PHE A 380 -18.88 0.46 -20.23
N MET A 381 -20.06 0.62 -19.61
CA MET A 381 -21.23 -0.11 -20.09
C MET A 381 -21.49 0.18 -21.56
N THR A 382 -21.57 1.47 -21.92
CA THR A 382 -21.96 1.86 -23.28
C THR A 382 -20.97 1.36 -24.32
N SER A 383 -19.67 1.46 -24.03
CA SER A 383 -18.65 1.13 -25.01
C SER A 383 -18.20 -0.33 -24.97
N TYR A 384 -18.67 -1.12 -24.02
CA TYR A 384 -18.21 -2.51 -23.93
C TYR A 384 -19.31 -3.56 -23.99
N MET A 385 -20.58 -3.20 -23.78
CA MET A 385 -21.60 -4.24 -23.72
C MET A 385 -21.79 -4.93 -25.05
N ALA A 386 -21.65 -4.20 -26.17
CA ALA A 386 -21.82 -4.81 -27.48
C ALA A 386 -20.79 -5.91 -27.71
N LEU A 387 -19.53 -5.61 -27.44
CA LEU A 387 -18.48 -6.62 -27.61
C LEU A 387 -18.65 -7.77 -26.63
N PHE A 388 -19.06 -7.47 -25.39
CA PHE A 388 -19.27 -8.54 -24.43
C PHE A 388 -20.38 -9.49 -24.89
N PHE A 389 -21.48 -8.93 -25.41
CA PHE A 389 -22.56 -9.77 -25.91
C PHE A 389 -22.12 -10.59 -27.11
N THR A 390 -21.36 -9.97 -28.01
CA THR A 390 -20.88 -10.70 -29.18
C THR A 390 -19.94 -11.84 -28.79
N ALA A 391 -19.12 -11.65 -27.78
CA ALA A 391 -18.11 -12.64 -27.43
C ALA A 391 -18.62 -13.74 -26.51
N PHE A 392 -19.51 -13.43 -25.57
CA PHE A 392 -19.90 -14.37 -24.53
C PHE A 392 -21.36 -14.79 -24.58
N VAL A 393 -22.10 -14.38 -25.60
CA VAL A 393 -23.50 -14.80 -25.73
C VAL A 393 -23.73 -15.40 -27.10
N TYR A 394 -23.35 -14.68 -28.16
CA TYR A 394 -23.54 -15.20 -29.51
C TYR A 394 -22.60 -16.35 -29.81
N ILE A 395 -21.39 -16.34 -29.25
CA ILE A 395 -20.39 -17.36 -29.52
C ILE A 395 -20.71 -18.69 -28.82
N PRO A 396 -20.88 -18.73 -27.48
CA PRO A 396 -20.99 -20.03 -26.82
C PRO A 396 -22.33 -20.73 -27.05
N PHE A 397 -23.43 -19.97 -27.07
CA PHE A 397 -24.74 -20.55 -27.36
C PHE A 397 -25.58 -19.50 -28.06
N GLY A 398 -25.74 -19.65 -29.37
CA GLY A 398 -26.51 -18.72 -30.16
C GLY A 398 -27.95 -19.13 -30.38
N HIS A 399 -28.45 -20.02 -29.52
CA HIS A 399 -29.82 -20.50 -29.61
C HIS A 399 -30.78 -19.76 -28.68
N ILE A 400 -30.32 -18.70 -28.00
CA ILE A 400 -31.17 -17.98 -27.07
C ILE A 400 -31.91 -16.82 -27.71
N LEU A 401 -31.39 -16.25 -28.80
CA LEU A 401 -32.05 -15.17 -29.51
C LEU A 401 -32.97 -15.68 -30.61
N HIS A 402 -33.30 -16.97 -30.60
CA HIS A 402 -34.25 -17.52 -31.56
C HIS A 402 -35.60 -16.80 -31.60
N PRO A 403 -36.24 -16.45 -30.47
CA PRO A 403 -37.51 -15.71 -30.57
C PRO A 403 -37.38 -14.39 -31.32
N PHE A 404 -36.26 -13.69 -31.17
CA PHE A 404 -36.07 -12.44 -31.91
C PHE A 404 -36.05 -12.68 -33.41
N LEU A 405 -35.31 -13.70 -33.86
CA LEU A 405 -35.27 -14.02 -35.28
C LEU A 405 -36.64 -14.47 -35.78
N ASN A 406 -37.36 -15.26 -34.97
CA ASN A 406 -38.69 -15.70 -35.37
C ASN A 406 -39.65 -14.52 -35.51
N PHE A 407 -39.60 -13.58 -34.58
CA PHE A 407 -40.43 -12.39 -34.69
C PHE A 407 -40.04 -11.56 -35.91
N TRP A 408 -38.74 -11.48 -36.19
CA TRP A 408 -38.29 -10.77 -37.39
C TRP A 408 -38.79 -11.45 -38.66
N ARG A 409 -38.77 -12.78 -38.69
CA ARG A 409 -39.23 -13.53 -39.86
C ARG A 409 -40.76 -13.45 -39.97
N PHE A 427 -29.51 -21.94 -39.39
CA PHE A 427 -28.82 -20.83 -38.74
C PHE A 427 -27.71 -21.34 -37.82
N GLN A 428 -26.51 -20.81 -38.01
CA GLN A 428 -25.35 -21.20 -37.22
C GLN A 428 -24.55 -19.95 -36.84
N ILE A 429 -23.77 -20.07 -35.77
CA ILE A 429 -22.95 -18.98 -35.28
C ILE A 429 -21.58 -19.01 -35.95
N ASN A 430 -21.02 -17.84 -36.19
CA ASN A 430 -19.72 -17.73 -36.84
C ASN A 430 -18.65 -17.43 -35.80
N PRO A 431 -17.73 -18.37 -35.52
CA PRO A 431 -16.69 -18.10 -34.51
C PRO A 431 -15.79 -16.92 -34.86
N ALA A 432 -15.53 -16.68 -36.15
CA ALA A 432 -14.63 -15.64 -36.58
C ALA A 432 -15.32 -14.29 -36.77
N ALA A 433 -16.60 -14.19 -36.42
CA ALA A 433 -17.32 -12.93 -36.58
C ALA A 433 -16.73 -11.81 -35.74
N ILE A 434 -16.53 -12.07 -34.44
CA ILE A 434 -16.15 -11.01 -33.51
C ILE A 434 -14.94 -10.24 -34.02
N SER A 435 -13.93 -10.98 -34.51
CA SER A 435 -12.74 -10.34 -35.07
C SER A 435 -13.11 -9.20 -36.01
N ASN A 436 -13.82 -9.52 -37.10
CA ASN A 436 -14.17 -8.47 -38.04
C ASN A 436 -15.03 -7.42 -37.38
N GLN A 437 -15.96 -7.84 -36.52
CA GLN A 437 -16.79 -6.88 -35.80
C GLN A 437 -15.93 -5.92 -35.00
N MET A 438 -14.89 -6.43 -34.34
CA MET A 438 -13.99 -5.57 -33.59
C MET A 438 -13.39 -4.51 -34.48
N PHE A 439 -13.00 -4.88 -35.71
CA PHE A 439 -12.48 -3.89 -36.64
C PHE A 439 -13.52 -2.82 -36.91
N TYR A 440 -14.77 -3.23 -37.16
CA TYR A 440 -15.82 -2.26 -37.44
C TYR A 440 -16.13 -1.42 -36.22
N PHE A 441 -15.62 -1.81 -35.05
CA PHE A 441 -15.82 -1.01 -33.85
C PHE A 441 -14.65 -0.06 -33.63
N THR A 442 -13.48 -0.40 -34.14
CA THR A 442 -12.31 0.46 -33.92
C THR A 442 -12.25 1.59 -34.93
N VAL A 443 -12.07 1.25 -36.21
CA VAL A 443 -11.77 2.26 -37.23
C VAL A 443 -12.90 3.28 -37.30
N THR A 444 -14.14 2.79 -37.37
CA THR A 444 -15.29 3.69 -37.38
C THR A 444 -15.22 4.68 -36.23
N ALA A 445 -14.97 4.18 -35.01
CA ALA A 445 -14.86 5.09 -33.87
C ALA A 445 -13.73 6.09 -34.10
N GLN A 446 -12.57 5.61 -34.55
CA GLN A 446 -11.43 6.50 -34.75
C GLN A 446 -11.76 7.60 -35.76
N ILE A 447 -12.78 7.37 -36.59
CA ILE A 447 -13.22 8.42 -37.50
C ILE A 447 -14.13 9.39 -36.77
N VAL A 448 -15.19 8.88 -36.14
CA VAL A 448 -16.21 9.77 -35.58
C VAL A 448 -15.64 10.56 -34.40
N ASN A 449 -14.80 9.92 -33.58
CA ASN A 449 -14.16 10.65 -32.50
C ASN A 449 -13.23 11.73 -33.02
N PHE A 450 -12.71 11.55 -34.24
CA PHE A 450 -11.89 12.61 -34.83
C PHE A 450 -12.75 13.66 -35.50
N ALA A 451 -14.03 13.38 -35.69
CA ALA A 451 -14.91 14.34 -36.35
C ALA A 451 -15.59 15.26 -35.34
N THR A 452 -16.25 14.68 -34.34
CA THR A 452 -16.99 15.48 -33.37
C THR A 452 -16.09 16.24 -32.40
N GLU A 453 -14.78 15.95 -32.40
CA GLU A 453 -13.87 16.58 -31.48
C GLU A 453 -12.93 17.59 -32.12
N VAL A 454 -12.85 17.62 -33.45
CA VAL A 454 -11.90 18.51 -34.12
C VAL A 454 -12.61 19.43 -35.11
N VAL A 455 -13.25 18.84 -36.12
CA VAL A 455 -13.75 19.63 -37.24
C VAL A 455 -15.14 20.19 -36.97
N VAL A 456 -16.03 19.40 -36.35
CA VAL A 456 -17.38 19.88 -36.07
C VAL A 456 -17.39 21.10 -35.15
N PRO A 457 -16.62 21.14 -34.05
CA PRO A 457 -16.56 22.38 -33.27
C PRO A 457 -16.03 23.56 -34.06
N TYR A 458 -15.06 23.34 -34.95
CA TYR A 458 -14.56 24.43 -35.78
C TYR A 458 -15.65 24.97 -36.70
N ILE A 459 -16.43 24.06 -37.30
CA ILE A 459 -17.53 24.48 -38.17
C ILE A 459 -18.58 25.23 -37.36
N LYS A 460 -18.89 24.75 -36.16
CA LYS A 460 -19.87 25.43 -35.32
C LYS A 460 -19.39 26.84 -34.95
N GLN A 461 -18.12 26.97 -34.59
CA GLN A 461 -17.57 28.29 -34.27
C GLN A 461 -17.58 29.21 -35.48
N GLN A 462 -17.26 28.69 -36.67
CA GLN A 462 -17.31 29.51 -37.87
C GLN A 462 -18.73 29.97 -38.16
N ALA A 463 -19.71 29.08 -37.99
CA ALA A 463 -21.10 29.45 -38.22
C ALA A 463 -21.58 30.50 -37.22
N PHE A 464 -21.22 30.34 -35.94
CA PHE A 464 -21.64 31.29 -34.93
C PHE A 464 -20.99 32.66 -35.16
N GLN A 465 -19.69 32.67 -35.50
CA GLN A 465 -19.00 33.93 -35.73
C GLN A 465 -19.55 34.68 -36.92
N LYS A 466 -19.85 33.97 -38.01
CA LYS A 466 -20.38 34.60 -39.20
C LYS A 466 -21.88 34.82 -39.10
N GLU A 482 -10.10 52.53 -30.36
CA GLU A 482 -8.64 52.40 -30.46
C GLU A 482 -8.18 51.08 -29.90
N GLU A 483 -8.91 50.56 -28.91
CA GLU A 483 -8.60 49.29 -28.28
C GLU A 483 -9.68 48.24 -28.59
N ALA A 484 -10.46 48.50 -29.65
CA ALA A 484 -11.57 47.61 -29.98
C ALA A 484 -11.12 46.20 -30.34
N GLU A 485 -9.88 46.03 -30.81
CA GLU A 485 -9.40 44.69 -31.15
C GLU A 485 -9.36 43.80 -29.91
N PHE A 486 -8.76 44.30 -28.83
CA PHE A 486 -8.66 43.50 -27.61
C PHE A 486 -10.03 43.22 -27.01
N LEU A 487 -10.92 44.21 -27.00
CA LEU A 487 -12.26 44.00 -26.48
C LEU A 487 -13.02 42.98 -27.30
N GLN A 488 -12.91 43.06 -28.63
CA GLN A 488 -13.57 42.08 -29.49
C GLN A 488 -13.02 40.68 -29.25
N ARG A 489 -11.68 40.57 -29.10
CA ARG A 489 -11.08 39.27 -28.84
C ARG A 489 -11.57 38.68 -27.53
N VAL A 490 -11.63 39.49 -26.47
CA VAL A 490 -12.08 38.96 -25.19
C VAL A 490 -13.58 38.64 -25.23
N ARG A 491 -14.37 39.41 -25.99
CA ARG A 491 -15.78 39.10 -26.12
C ARG A 491 -16.00 37.78 -26.83
N GLU A 492 -15.23 37.52 -27.89
CA GLU A 492 -15.32 36.21 -28.55
C GLU A 492 -14.80 35.10 -27.65
N GLU A 493 -13.79 35.39 -26.83
CA GLU A 493 -13.24 34.37 -25.95
C GLU A 493 -14.22 33.98 -24.84
N CYS A 494 -14.99 34.94 -24.33
CA CYS A 494 -15.86 34.68 -23.19
C CYS A 494 -17.02 33.75 -23.52
N THR A 495 -17.32 33.51 -24.79
CA THR A 495 -18.44 32.64 -25.14
C THR A 495 -18.06 31.16 -25.22
N LEU A 496 -16.77 30.84 -25.13
CA LEU A 496 -16.36 29.45 -25.22
C LEU A 496 -16.67 28.71 -23.92
N GLU A 497 -16.66 27.38 -24.00
CA GLU A 497 -16.92 26.54 -22.84
C GLU A 497 -15.63 26.26 -22.09
N GLU A 498 -15.77 26.05 -20.78
CA GLU A 498 -14.60 25.77 -19.94
C GLU A 498 -14.00 24.42 -20.30
N TYR A 499 -12.68 24.36 -20.35
CA TYR A 499 -11.99 23.13 -20.69
C TYR A 499 -12.07 22.13 -19.54
N ASP A 500 -12.44 20.90 -19.86
CA ASP A 500 -12.54 19.83 -18.89
C ASP A 500 -11.49 18.78 -19.20
N VAL A 501 -10.69 18.41 -18.19
CA VAL A 501 -9.63 17.43 -18.41
C VAL A 501 -10.09 16.00 -18.15
N SER A 502 -11.29 15.81 -17.60
CA SER A 502 -11.76 14.45 -17.32
C SER A 502 -12.11 13.71 -18.59
N GLY A 503 -12.60 14.41 -19.62
CA GLY A 503 -13.01 13.73 -20.84
C GLY A 503 -11.86 13.04 -21.54
N ASP A 504 -10.72 13.73 -21.65
CA ASP A 504 -9.56 13.13 -22.29
C ASP A 504 -9.05 11.93 -21.49
N TYR A 505 -9.06 12.04 -20.16
CA TYR A 505 -8.67 10.91 -19.33
C TYR A 505 -9.59 9.72 -19.56
N ARG A 506 -10.90 9.95 -19.63
CA ARG A 506 -11.84 8.87 -19.85
C ARG A 506 -11.63 8.23 -21.22
N GLU A 507 -11.40 9.04 -22.24
CA GLU A 507 -11.16 8.49 -23.58
C GLU A 507 -9.90 7.64 -23.60
N MET A 508 -8.81 8.12 -22.98
CA MET A 508 -7.58 7.35 -22.97
C MET A 508 -7.73 6.06 -22.16
N VAL A 509 -8.47 6.11 -21.05
CA VAL A 509 -8.68 4.90 -20.25
C VAL A 509 -9.50 3.88 -21.03
N MET A 510 -10.51 4.33 -21.77
CA MET A 510 -11.30 3.40 -22.58
C MET A 510 -10.46 2.79 -23.70
N GLN A 511 -9.58 3.59 -24.30
CA GLN A 511 -8.67 3.05 -25.30
C GLN A 511 -7.75 1.98 -24.70
N PHE A 512 -7.23 2.26 -23.50
CA PHE A 512 -6.39 1.27 -22.82
C PHE A 512 -7.16 -0.01 -22.53
N GLY A 513 -8.43 0.12 -22.12
CA GLY A 513 -9.24 -1.06 -21.89
C GLY A 513 -9.47 -1.87 -23.16
N TYR A 514 -9.73 -1.16 -24.27
CA TYR A 514 -9.84 -1.84 -25.56
C TYR A 514 -8.59 -2.67 -25.84
N VAL A 515 -7.42 -2.05 -25.71
CA VAL A 515 -6.17 -2.76 -25.96
C VAL A 515 -6.02 -3.94 -24.99
N ALA A 516 -6.45 -3.76 -23.74
CA ALA A 516 -6.20 -4.76 -22.71
C ALA A 516 -7.05 -6.01 -22.93
N MET A 517 -8.35 -5.85 -23.18
CA MET A 517 -9.23 -7.00 -23.20
C MET A 517 -9.91 -7.29 -24.53
N PHE A 518 -9.52 -6.62 -25.62
CA PHE A 518 -10.10 -6.97 -26.91
C PHE A 518 -9.10 -6.91 -28.05
N SER A 519 -7.80 -6.81 -27.78
CA SER A 519 -6.83 -6.80 -28.85
C SER A 519 -6.45 -8.20 -29.32
N VAL A 520 -6.78 -9.24 -28.54
CA VAL A 520 -6.42 -10.58 -28.94
C VAL A 520 -7.27 -11.05 -30.12
N ALA A 521 -8.50 -10.56 -30.22
CA ALA A 521 -9.34 -10.90 -31.37
C ALA A 521 -8.79 -10.31 -32.65
N TRP A 522 -8.31 -9.06 -32.59
CA TRP A 522 -7.74 -8.38 -33.75
C TRP A 522 -6.38 -7.83 -33.34
N PRO A 523 -5.31 -8.60 -33.53
CA PRO A 523 -3.99 -8.19 -33.02
C PRO A 523 -3.48 -6.88 -33.58
N LEU A 524 -3.84 -6.50 -34.81
CA LEU A 524 -3.37 -5.27 -35.42
C LEU A 524 -3.95 -4.03 -34.76
N ALA A 525 -5.03 -4.17 -33.99
CA ALA A 525 -5.75 -3.01 -33.44
C ALA A 525 -4.82 -2.03 -32.72
N ALA A 526 -3.95 -2.54 -31.84
CA ALA A 526 -3.05 -1.65 -31.11
C ALA A 526 -2.32 -0.70 -32.05
N CYS A 527 -1.80 -1.22 -33.17
CA CYS A 527 -1.09 -0.38 -34.12
C CYS A 527 -1.92 0.84 -34.50
N CYS A 528 -3.18 0.62 -34.89
CA CYS A 528 -4.04 1.75 -35.25
C CYS A 528 -4.09 2.76 -34.11
N PHE A 529 -4.33 2.29 -32.89
CA PHE A 529 -4.40 3.21 -31.76
C PHE A 529 -3.14 4.05 -31.65
N LEU A 530 -1.97 3.43 -31.87
CA LEU A 530 -0.72 4.18 -31.79
C LEU A 530 -0.78 5.41 -32.68
N VAL A 531 -1.19 5.24 -33.94
CA VAL A 531 -1.26 6.38 -34.84
C VAL A 531 -2.18 7.44 -34.28
N ASN A 532 -3.36 7.02 -33.79
CA ASN A 532 -4.30 7.99 -33.25
C ASN A 532 -3.66 8.77 -32.11
N ASN A 533 -2.88 8.10 -31.27
CA ASN A 533 -2.26 8.80 -30.15
C ASN A 533 -1.37 9.93 -30.65
N TRP A 534 -0.60 9.68 -31.71
CA TRP A 534 0.29 10.73 -32.21
C TRP A 534 -0.50 11.93 -32.68
N VAL A 535 -1.74 11.71 -33.16
CA VAL A 535 -2.58 12.84 -33.49
C VAL A 535 -3.14 13.48 -32.23
N GLU A 536 -3.59 12.66 -31.28
CA GLU A 536 -4.24 13.20 -30.09
C GLU A 536 -3.31 14.12 -29.31
N LEU A 537 -2.04 13.72 -29.13
CA LEU A 537 -1.08 14.54 -28.40
C LEU A 537 -1.00 15.95 -28.99
N ARG A 538 -1.24 16.09 -30.29
CA ARG A 538 -1.37 17.40 -30.89
C ARG A 538 -2.80 17.91 -30.90
N SER A 539 -3.77 17.05 -31.25
CA SER A 539 -5.13 17.51 -31.46
C SER A 539 -5.72 18.10 -30.18
N ASP A 540 -5.57 17.41 -29.06
CA ASP A 540 -6.04 17.94 -27.79
C ASP A 540 -5.42 19.30 -27.51
N ALA A 541 -4.13 19.47 -27.86
CA ALA A 541 -3.50 20.77 -27.69
C ALA A 541 -4.25 21.84 -28.46
N LEU A 542 -4.61 21.56 -29.72
CA LEU A 542 -5.40 22.52 -30.49
C LEU A 542 -6.73 22.80 -29.80
N LYS A 543 -7.33 21.77 -29.18
CA LYS A 543 -8.61 21.98 -28.51
C LYS A 543 -8.48 22.96 -27.35
N ILE A 544 -7.27 23.10 -26.80
CA ILE A 544 -7.07 24.06 -25.73
C ILE A 544 -6.68 25.42 -26.31
N ALA A 545 -6.12 25.43 -27.52
CA ALA A 545 -5.62 26.68 -28.09
C ALA A 545 -6.76 27.60 -28.49
N ILE A 546 -7.76 27.07 -29.20
CA ILE A 546 -8.77 27.93 -29.80
C ILE A 546 -10.18 27.52 -29.40
N SER A 547 -10.37 26.26 -29.04
CA SER A 547 -11.70 25.70 -28.82
C SER A 547 -12.14 25.75 -27.36
N SER A 548 -11.34 26.31 -26.47
CA SER A 548 -11.71 26.37 -25.07
C SER A 548 -11.04 27.58 -24.42
N ARG A 549 -11.61 28.01 -23.29
CA ARG A 549 -10.99 29.06 -22.52
C ARG A 549 -9.90 28.47 -21.61
N ARG A 550 -9.05 29.35 -21.11
CA ARG A 550 -7.92 28.91 -20.29
C ARG A 550 -8.41 28.30 -18.98
N PRO A 551 -8.06 27.06 -18.66
CA PRO A 551 -8.50 26.49 -17.40
C PRO A 551 -7.82 27.14 -16.21
N ILE A 552 -8.50 27.12 -15.07
CA ILE A 552 -7.95 27.65 -13.83
C ILE A 552 -6.85 26.74 -13.35
N PRO A 553 -5.62 27.23 -13.17
CA PRO A 553 -4.52 26.34 -12.77
C PRO A 553 -4.66 25.81 -11.36
N TRP A 554 -4.90 24.51 -11.21
CA TRP A 554 -5.00 23.86 -9.92
C TRP A 554 -3.79 22.95 -9.71
N ARG A 555 -3.66 22.43 -8.51
CA ARG A 555 -2.57 21.53 -8.15
C ARG A 555 -3.12 20.14 -7.87
N THR A 556 -2.49 19.13 -8.47
CA THR A 556 -2.87 17.74 -8.26
C THR A 556 -1.62 16.90 -8.05
N ASP A 557 -1.66 16.00 -7.07
CA ASP A 557 -0.54 15.12 -6.82
C ASP A 557 -0.41 14.07 -7.92
N SER A 558 -1.53 13.45 -8.30
CA SER A 558 -1.53 12.38 -9.29
C SER A 558 -2.73 12.58 -10.20
N ILE A 559 -2.92 11.66 -11.13
CA ILE A 559 -4.05 11.76 -12.05
C ILE A 559 -5.39 11.54 -11.35
N GLY A 560 -5.39 10.92 -10.18
CA GLY A 560 -6.59 10.78 -9.39
C GLY A 560 -7.10 9.37 -9.31
N PRO A 561 -8.43 9.20 -9.30
CA PRO A 561 -9.01 7.85 -9.20
C PRO A 561 -8.90 7.04 -10.47
N TRP A 562 -8.25 7.54 -11.52
CA TRP A 562 -8.13 6.76 -12.75
C TRP A 562 -7.20 5.58 -12.58
N LEU A 563 -6.35 5.59 -11.54
CA LEU A 563 -5.47 4.44 -11.30
C LEU A 563 -6.27 3.20 -10.97
N THR A 564 -7.33 3.35 -10.16
CA THR A 564 -8.20 2.22 -9.86
C THR A 564 -8.88 1.71 -11.13
N ALA A 565 -9.32 2.61 -11.99
CA ALA A 565 -9.95 2.19 -13.25
C ALA A 565 -8.96 1.42 -14.11
N LEU A 566 -7.73 1.89 -14.21
CA LEU A 566 -6.72 1.18 -15.01
C LEU A 566 -6.45 -0.21 -14.43
N SER A 567 -6.33 -0.31 -13.11
CA SER A 567 -6.09 -1.60 -12.48
C SER A 567 -7.24 -2.57 -12.73
N PHE A 568 -8.47 -2.08 -12.57
CA PHE A 568 -9.64 -2.92 -12.80
C PHE A 568 -9.71 -3.38 -14.26
N LEU A 569 -9.42 -2.47 -15.19
CA LEU A 569 -9.44 -2.84 -16.60
C LEU A 569 -8.37 -3.87 -16.91
N SER A 570 -7.18 -3.72 -16.34
CA SER A 570 -6.13 -4.71 -16.56
C SER A 570 -6.53 -6.08 -16.04
N TRP A 571 -7.09 -6.13 -14.83
CA TRP A 571 -7.51 -7.42 -14.27
C TRP A 571 -8.62 -8.05 -15.11
N LEU A 572 -9.61 -7.25 -15.52
CA LEU A 572 -10.68 -7.77 -16.35
C LEU A 572 -10.15 -8.25 -17.69
N GLY A 573 -9.15 -7.56 -18.23
CA GLY A 573 -8.54 -8.01 -19.47
C GLY A 573 -7.84 -9.34 -19.33
N SER A 574 -7.11 -9.52 -18.23
CA SER A 574 -6.47 -10.81 -17.98
C SER A 574 -7.51 -11.92 -17.87
N ILE A 575 -8.65 -11.62 -17.25
CA ILE A 575 -9.70 -12.64 -17.15
C ILE A 575 -10.34 -12.91 -18.51
N THR A 576 -10.52 -11.88 -19.33
CA THR A 576 -11.36 -11.99 -20.51
C THR A 576 -10.61 -12.52 -21.74
N SER A 577 -9.35 -12.12 -21.92
CA SER A 577 -8.65 -12.46 -23.15
C SER A 577 -8.48 -13.98 -23.30
N SER A 578 -8.10 -14.65 -22.21
CA SER A 578 -7.91 -16.10 -22.27
C SER A 578 -9.23 -16.81 -22.54
N ALA A 579 -10.31 -16.36 -21.91
CA ALA A 579 -11.62 -16.96 -22.16
C ALA A 579 -12.04 -16.77 -23.60
N ILE A 580 -11.79 -15.59 -24.17
CA ILE A 580 -12.12 -15.35 -25.58
C ILE A 580 -11.30 -16.27 -26.47
N VAL A 581 -10.01 -16.43 -26.17
CA VAL A 581 -9.16 -17.30 -26.97
C VAL A 581 -9.70 -18.73 -26.95
N TYR A 582 -10.00 -19.23 -25.76
CA TYR A 582 -10.48 -20.62 -25.65
C TYR A 582 -11.82 -20.80 -26.35
N LEU A 583 -12.72 -19.84 -26.19
CA LEU A 583 -14.05 -19.99 -26.77
C LEU A 583 -14.02 -19.91 -28.29
N CYS A 584 -13.27 -18.94 -28.85
CA CYS A 584 -13.24 -18.78 -30.29
C CYS A 584 -12.33 -19.78 -30.99
N SER A 585 -11.39 -20.39 -30.27
CA SER A 585 -10.55 -21.41 -30.88
C SER A 585 -11.30 -22.71 -31.13
N ASN A 586 -12.41 -22.94 -30.43
CA ASN A 586 -13.19 -24.16 -30.60
C ASN A 586 -14.49 -23.88 -31.33
N LYS A 599 -15.64 -27.99 -23.55
CA LYS A 599 -15.76 -28.45 -22.17
C LYS A 599 -15.60 -27.29 -21.20
N ALA A 600 -16.41 -27.31 -20.14
CA ALA A 600 -16.34 -26.22 -19.15
C ALA A 600 -15.05 -26.28 -18.36
N TRP A 601 -14.52 -27.48 -18.12
CA TRP A 601 -13.32 -27.60 -17.30
C TRP A 601 -12.11 -26.96 -17.97
N GLY A 602 -12.00 -27.10 -19.29
CA GLY A 602 -10.90 -26.45 -20.00
C GLY A 602 -10.96 -24.95 -19.92
N LEU A 603 -12.15 -24.37 -20.13
CA LEU A 603 -12.31 -22.93 -20.02
C LEU A 603 -12.00 -22.43 -18.62
N LEU A 604 -12.49 -23.14 -17.60
CA LEU A 604 -12.22 -22.73 -16.23
C LEU A 604 -10.74 -22.81 -15.91
N LEU A 605 -10.07 -23.87 -16.37
CA LEU A 605 -8.63 -23.98 -16.14
C LEU A 605 -7.88 -22.86 -16.83
N SER A 606 -8.26 -22.53 -18.06
CA SER A 606 -7.59 -21.44 -18.78
C SER A 606 -7.76 -20.11 -18.05
N ILE A 607 -8.98 -19.82 -17.58
CA ILE A 607 -9.23 -18.58 -16.87
C ILE A 607 -8.41 -18.53 -15.58
N LEU A 608 -8.39 -19.64 -14.84
CA LEU A 608 -7.66 -19.68 -13.58
C LEU A 608 -6.17 -19.47 -13.81
N PHE A 609 -5.60 -20.15 -14.81
CA PHE A 609 -4.18 -20.01 -15.09
C PHE A 609 -3.84 -18.59 -15.52
N ALA A 610 -4.67 -17.98 -16.37
CA ALA A 610 -4.40 -16.61 -16.80
C ALA A 610 -4.45 -15.64 -15.61
N GLU A 611 -5.45 -15.78 -14.75
CA GLU A 611 -5.56 -14.88 -13.60
C GLU A 611 -4.38 -15.03 -12.66
N HIS A 612 -3.97 -16.27 -12.37
CA HIS A 612 -2.86 -16.47 -11.44
C HIS A 612 -1.54 -16.02 -12.04
N PHE A 613 -1.36 -16.21 -13.35
CA PHE A 613 -0.17 -15.68 -14.01
C PHE A 613 -0.13 -14.17 -13.93
N TYR A 614 -1.29 -13.52 -14.10
CA TYR A 614 -1.35 -12.07 -13.97
C TYR A 614 -0.97 -11.62 -12.56
N LEU A 615 -1.47 -12.32 -11.54
CA LEU A 615 -1.12 -11.96 -10.17
C LEU A 615 0.37 -12.13 -9.91
N VAL A 616 0.95 -13.24 -10.38
CA VAL A 616 2.38 -13.48 -10.17
C VAL A 616 3.21 -12.42 -10.89
N VAL A 617 2.83 -12.06 -12.11
CA VAL A 617 3.57 -11.04 -12.85
C VAL A 617 3.47 -9.71 -12.14
N GLN A 618 2.29 -9.38 -11.60
CA GLN A 618 2.13 -8.14 -10.85
C GLN A 618 3.06 -8.10 -9.65
N LEU A 619 3.12 -9.20 -8.90
CA LEU A 619 4.01 -9.25 -7.74
C LEU A 619 5.47 -9.10 -8.14
N ALA A 620 5.88 -9.81 -9.21
CA ALA A 620 7.27 -9.74 -9.63
C ALA A 620 7.65 -8.35 -10.10
N VAL A 621 6.76 -7.70 -10.87
CA VAL A 621 7.06 -6.37 -11.37
C VAL A 621 7.14 -5.37 -10.22
N ARG A 622 6.22 -5.48 -9.25
CA ARG A 622 6.29 -4.59 -8.08
C ARG A 622 7.60 -4.79 -7.33
N PHE A 623 7.99 -6.05 -7.11
CA PHE A 623 9.23 -6.31 -6.38
C PHE A 623 10.44 -5.78 -7.12
N VAL A 624 10.48 -5.96 -8.45
CA VAL A 624 11.62 -5.47 -9.22
C VAL A 624 11.67 -3.95 -9.22
N LEU A 625 10.53 -3.28 -9.42
CA LEU A 625 10.52 -1.83 -9.45
C LEU A 625 10.72 -1.21 -8.08
N SER A 626 10.55 -1.97 -6.99
CA SER A 626 10.86 -1.45 -5.66
C SER A 626 12.35 -1.25 -5.44
N LYS A 627 13.21 -1.76 -6.32
CA LYS A 627 14.66 -1.66 -6.16
C LYS A 627 15.29 -0.73 -7.20
N LEU A 628 14.49 0.12 -7.84
CA LEU A 628 15.01 1.07 -8.81
C LEU A 628 15.19 2.45 -8.19
N SER A 630 15.12 5.88 -7.64
CA SER A 630 14.32 7.09 -7.76
C SER A 630 15.06 8.29 -7.17
N PRO A 631 15.37 9.28 -8.01
CA PRO A 631 16.10 10.46 -7.51
C PRO A 631 15.34 11.26 -6.47
N GLY A 632 14.02 11.13 -6.41
CA GLY A 632 13.27 11.89 -5.41
C GLY A 632 13.62 11.49 -3.99
N LEU A 633 13.69 10.19 -3.73
CA LEU A 633 14.08 9.74 -2.40
C LEU A 633 15.52 10.09 -2.10
N GLN A 634 16.39 10.11 -3.11
CA GLN A 634 17.77 10.55 -2.91
C GLN A 634 17.83 12.00 -2.47
N LYS A 635 17.04 12.86 -3.14
CA LYS A 635 16.99 14.27 -2.75
C LYS A 635 16.43 14.43 -1.35
N GLU A 636 15.38 13.67 -1.01
CA GLU A 636 14.81 13.75 0.33
C GLU A 636 15.80 13.31 1.39
N ARG A 637 16.54 12.23 1.13
CA ARG A 637 17.55 11.77 2.08
C ARG A 637 18.68 12.79 2.20
N LYS A 638 19.09 13.40 1.10
CA LYS A 638 20.12 14.44 1.16
C LYS A 638 19.65 15.62 2.00
N GLU A 639 18.40 16.05 1.81
CA GLU A 639 17.87 17.13 2.62
C GLU A 639 17.81 16.75 4.10
N ARG A 640 17.38 15.53 4.41
CA ARG A 640 17.29 15.10 5.80
C ARG A 640 18.67 15.04 6.44
N PHE A 641 19.66 14.50 5.73
CA PHE A 641 21.02 14.44 6.26
C PHE A 641 21.60 15.84 6.46
N GLN A 642 21.38 16.73 5.49
CA GLN A 642 21.89 18.10 5.62
C GLN A 642 21.23 18.83 6.78
N THR A 643 19.92 18.67 6.94
CA THR A 643 19.19 19.34 8.02
C THR A 643 19.50 18.69 9.37
N PHE A 695 31.07 -4.44 47.90
CA PHE A 695 31.10 -4.81 46.48
C PHE A 695 31.49 -3.62 45.62
N TRP A 696 31.21 -2.42 46.11
CA TRP A 696 31.48 -1.19 45.39
C TRP A 696 32.82 -0.57 45.77
N GLN A 697 33.00 -0.26 47.05
CA GLN A 697 34.14 0.50 47.52
C GLN A 697 35.44 -0.30 47.54
N ARG A 698 35.37 -1.63 47.55
CA ARG A 698 36.59 -2.44 47.61
C ARG A 698 37.42 -2.34 46.34
N GLN A 699 36.84 -1.87 45.24
CA GLN A 699 37.60 -1.62 44.01
C GLN A 699 37.13 -0.28 43.45
N ARG A 700 37.82 0.79 43.84
CA ARG A 700 37.49 2.13 43.39
C ARG A 700 38.35 2.61 42.23
N GLY A 701 39.66 2.36 42.26
CA GLY A 701 40.54 2.75 41.18
C GLY A 701 40.45 1.79 40.02
N MET A 702 41.41 1.88 39.12
CA MET A 702 41.46 0.98 37.97
C MET A 702 42.78 0.22 37.83
N GLN A 703 43.90 0.76 38.30
CA GLN A 703 45.11 -0.06 38.40
C GLN A 703 44.90 -1.19 39.40
N GLU A 704 44.17 -0.92 40.48
CA GLU A 704 43.82 -1.96 41.43
C GLU A 704 42.95 -3.04 40.80
N THR A 705 41.99 -2.64 39.96
CA THR A 705 41.15 -3.63 39.28
C THR A 705 42.00 -4.55 38.41
N ILE A 706 42.95 -3.99 37.67
CA ILE A 706 43.79 -4.80 36.80
C ILE A 706 44.70 -5.70 37.62
N GLU A 707 45.22 -5.19 38.75
CA GLU A 707 46.07 -6.02 39.59
C GLU A 707 45.29 -7.19 40.17
N ILE A 708 44.06 -6.95 40.64
CA ILE A 708 43.26 -8.04 41.18
C ILE A 708 42.87 -9.02 40.07
N GLY A 709 42.62 -8.52 38.87
CA GLY A 709 42.38 -9.42 37.75
C GLY A 709 43.57 -10.30 37.45
N ARG A 710 44.78 -9.73 37.50
CA ARG A 710 45.99 -10.56 37.39
C ARG A 710 46.05 -11.59 38.50
N ARG A 711 45.67 -11.22 39.72
CA ARG A 711 45.71 -12.19 40.82
C ARG A 711 44.77 -13.36 40.54
N MET A 712 43.56 -13.05 40.06
CA MET A 712 42.64 -14.13 39.70
C MET A 712 43.21 -14.99 38.57
N ILE A 713 43.80 -14.37 37.56
CA ILE A 713 44.34 -15.13 36.43
C ILE A 713 45.45 -16.07 36.91
N GLU A 714 46.31 -15.58 37.79
CA GLU A 714 47.39 -16.42 38.33
C GLU A 714 46.82 -17.56 39.19
N GLN A 715 45.81 -17.27 40.00
CA GLN A 715 45.34 -18.26 40.96
C GLN A 715 44.35 -19.27 40.37
N GLN A 716 43.78 -19.00 39.19
CA GLN A 716 42.90 -20.00 38.58
C GLN A 716 43.66 -21.18 38.00
N LEU A 717 44.98 -21.10 37.87
CA LEU A 717 45.76 -22.21 37.34
C LEU A 717 45.84 -23.39 38.30
N ALA A 718 45.63 -23.17 39.59
CA ALA A 718 45.70 -24.25 40.56
C ALA A 718 44.46 -25.13 40.48
N SER B 17 17.96 -8.95 45.82
CA SER B 17 17.76 -8.11 44.65
C SER B 17 19.09 -7.74 44.01
N ASN B 18 19.03 -6.99 42.91
CA ASN B 18 20.25 -6.58 42.23
C ASN B 18 21.05 -5.61 43.09
N PHE B 19 22.36 -5.57 42.84
CA PHE B 19 23.25 -4.63 43.51
C PHE B 19 23.54 -3.40 42.66
N GLY B 20 22.55 -2.95 41.88
CA GLY B 20 22.76 -1.85 40.96
C GLY B 20 23.43 -2.22 39.66
N VAL B 21 23.71 -3.51 39.45
CA VAL B 21 24.42 -3.93 38.24
C VAL B 21 23.53 -3.75 37.02
N ASP B 22 24.08 -3.14 35.99
CA ASP B 22 23.35 -2.91 34.74
C ASP B 22 23.70 -3.91 33.65
N PHE B 23 24.95 -4.34 33.56
CA PHE B 23 25.32 -5.34 32.57
C PHE B 23 26.43 -6.23 33.11
N VAL B 24 26.47 -7.45 32.59
CA VAL B 24 27.44 -8.46 32.99
C VAL B 24 28.11 -9.02 31.74
N ILE B 25 29.43 -9.15 31.78
CA ILE B 25 30.21 -9.71 30.69
C ILE B 25 30.94 -10.94 31.20
N HIS B 26 30.86 -12.04 30.45
CA HIS B 26 31.40 -13.32 30.91
C HIS B 26 32.92 -13.38 30.72
N TYR B 27 33.38 -13.25 29.47
CA TYR B 27 34.81 -13.20 29.15
C TYR B 27 35.56 -14.43 29.69
N LYS B 28 35.20 -15.59 29.12
CA LYS B 28 35.90 -16.81 29.49
C LYS B 28 37.36 -16.73 29.08
N VAL B 29 38.22 -17.19 29.98
CA VAL B 29 39.67 -17.13 29.76
C VAL B 29 40.25 -18.53 29.80
N PRO B 30 40.34 -19.23 28.66
CA PRO B 30 41.00 -20.54 28.66
C PRO B 30 42.49 -20.41 28.91
N ALA B 31 43.06 -21.47 29.48
CA ALA B 31 44.48 -21.46 29.80
C ALA B 31 45.36 -21.60 28.55
N ALA B 32 44.76 -21.92 27.40
CA ALA B 32 45.55 -22.08 26.18
C ALA B 32 46.21 -20.79 25.73
N GLU B 33 45.50 -19.66 25.78
CA GLU B 33 46.03 -18.37 25.37
C GLU B 33 46.07 -17.42 26.56
N ARG B 34 46.53 -17.96 27.70
CA ARG B 34 46.48 -17.23 28.96
C ARG B 34 47.10 -15.84 28.84
N ASP B 35 48.22 -15.74 28.13
CA ASP B 35 48.80 -14.42 27.88
C ASP B 35 47.88 -13.58 26.99
N GLU B 36 47.58 -14.07 25.78
CA GLU B 36 46.82 -13.28 24.82
C GLU B 36 45.49 -12.84 25.40
N ALA B 37 44.71 -13.79 25.94
CA ALA B 37 43.44 -13.45 26.58
C ALA B 37 43.64 -12.38 27.65
N GLU B 38 44.68 -12.55 28.49
CA GLU B 38 44.95 -11.55 29.51
C GLU B 38 45.13 -10.16 28.88
N ALA B 39 45.91 -10.09 27.80
CA ALA B 39 46.07 -8.82 27.11
C ALA B 39 44.71 -8.25 26.70
N GLY B 40 43.86 -9.09 26.11
CA GLY B 40 42.53 -8.64 25.76
C GLY B 40 41.79 -8.07 26.96
N PHE B 41 41.88 -8.77 28.10
CA PHE B 41 41.26 -8.27 29.31
C PHE B 41 41.69 -6.84 29.59
N VAL B 42 42.99 -6.56 29.52
CA VAL B 42 43.48 -5.21 29.74
C VAL B 42 42.79 -4.26 28.79
N GLN B 43 42.78 -4.60 27.49
CA GLN B 43 42.13 -3.75 26.51
C GLN B 43 40.66 -3.54 26.89
N LEU B 44 39.99 -4.60 27.33
CA LEU B 44 38.59 -4.47 27.71
C LEU B 44 38.44 -3.49 28.86
N ILE B 45 39.31 -3.58 29.87
CA ILE B 45 39.17 -2.68 31.01
C ILE B 45 39.49 -1.25 30.59
N ARG B 46 40.17 -1.07 29.47
CA ARG B 46 40.34 0.27 28.94
C ARG B 46 39.14 0.71 28.10
N ALA B 47 38.56 -0.23 27.34
CA ALA B 47 37.47 0.12 26.46
C ALA B 47 36.25 0.60 27.22
N LEU B 48 36.09 0.15 28.47
CA LEU B 48 34.98 0.58 29.31
C LEU B 48 35.34 1.76 30.19
N THR B 49 36.58 2.26 30.09
CA THR B 49 37.02 3.41 30.88
C THR B 49 36.58 4.74 30.28
N THR B 50 36.78 4.93 28.97
CA THR B 50 36.49 6.21 28.35
C THR B 50 35.00 6.53 28.39
N VAL B 51 34.14 5.53 28.23
CA VAL B 51 32.70 5.77 28.17
C VAL B 51 32.18 6.29 29.51
N GLY B 52 32.72 5.80 30.61
CA GLY B 52 32.29 6.27 31.93
C GLY B 52 31.46 5.25 32.68
N LEU B 53 31.79 3.97 32.53
CA LEU B 53 31.09 2.89 33.19
C LEU B 53 32.00 2.27 34.24
N ALA B 54 31.48 2.14 35.47
CA ALA B 54 32.26 1.54 36.54
C ALA B 54 32.29 0.03 36.37
N THR B 55 33.49 -0.54 36.42
CA THR B 55 33.69 -1.96 36.17
C THR B 55 34.24 -2.64 37.42
N GLU B 56 33.64 -3.77 37.78
CA GLU B 56 34.13 -4.61 38.85
C GLU B 56 34.29 -6.05 38.35
N VAL B 57 35.24 -6.77 38.94
CA VAL B 57 35.59 -8.11 38.49
C VAL B 57 35.32 -9.09 39.62
N ARG B 58 34.77 -10.26 39.27
CA ARG B 58 34.41 -11.29 40.23
C ARG B 58 34.65 -12.66 39.61
N HIS B 59 34.81 -13.65 40.48
CA HIS B 59 35.07 -15.01 40.05
C HIS B 59 33.89 -15.58 39.27
N GLY B 60 34.20 -16.41 38.28
CA GLY B 60 33.19 -17.10 37.52
C GLY B 60 33.56 -18.54 37.27
N GLU B 61 32.66 -19.46 37.62
CA GLU B 61 32.94 -20.88 37.48
C GLU B 61 33.17 -21.23 36.01
N ASN B 62 33.66 -22.45 35.79
CA ASN B 62 34.06 -22.93 34.46
C ASN B 62 35.16 -22.05 33.88
N GLU B 63 36.11 -21.65 34.73
CA GLU B 63 37.25 -20.82 34.37
C GLU B 63 36.81 -19.60 33.54
N SER B 64 36.00 -18.76 34.17
CA SER B 64 35.53 -17.52 33.57
C SER B 64 35.78 -16.38 34.54
N LEU B 65 35.44 -15.16 34.11
CA LEU B 65 35.78 -13.98 34.92
C LEU B 65 34.68 -12.94 34.70
N LEU B 66 33.70 -12.93 35.60
CA LEU B 66 32.52 -12.10 35.38
C LEU B 66 32.84 -10.64 35.72
N VAL B 67 32.56 -9.75 34.79
CA VAL B 67 32.73 -8.32 35.05
C VAL B 67 31.35 -7.66 35.03
N PHE B 68 31.12 -6.78 36.01
CA PHE B 68 29.89 -6.04 36.16
C PHE B 68 30.14 -4.58 35.80
N VAL B 69 29.27 -4.02 34.97
CA VAL B 69 29.38 -2.63 34.56
C VAL B 69 28.05 -1.93 34.81
N LYS B 70 28.13 -0.64 35.14
CA LYS B 70 26.97 0.22 35.36
C LYS B 70 27.41 1.67 35.16
N VAL B 71 26.46 2.50 34.74
CA VAL B 71 26.75 3.91 34.51
C VAL B 71 26.89 4.63 35.85
N ALA B 72 27.96 5.40 36.00
CA ALA B 72 28.26 6.10 37.24
C ALA B 72 27.88 7.57 37.18
N SER B 73 28.44 8.32 36.22
CA SER B 73 28.22 9.75 36.16
C SER B 73 26.89 10.05 35.46
N PRO B 74 25.95 10.73 36.12
CA PRO B 74 24.68 11.06 35.47
C PRO B 74 24.82 12.00 34.28
N ASP B 75 25.87 12.82 34.24
CA ASP B 75 26.02 13.78 33.14
C ASP B 75 26.25 13.07 31.81
N LEU B 76 27.13 12.07 31.80
CA LEU B 76 27.39 11.33 30.57
C LEU B 76 26.15 10.58 30.09
N PHE B 77 25.41 9.96 31.02
CA PHE B 77 24.19 9.27 30.63
C PHE B 77 23.14 10.24 30.09
N ALA B 78 23.02 11.41 30.72
CA ALA B 78 22.09 12.41 30.21
C ALA B 78 22.48 12.88 28.83
N LYS B 79 23.78 13.07 28.59
CA LYS B 79 24.24 13.46 27.25
C LYS B 79 23.93 12.38 26.23
N GLN B 80 24.13 11.12 26.59
CA GLN B 80 23.81 10.02 25.68
C GLN B 80 22.31 9.96 25.40
N VAL B 81 21.48 10.18 26.43
CA VAL B 81 20.03 10.19 26.24
C VAL B 81 19.63 11.31 25.29
N TYR B 82 20.19 12.49 25.48
CA TYR B 82 19.88 13.61 24.59
C TYR B 82 20.32 13.32 23.17
N ARG B 83 21.49 12.71 23.00
CA ARG B 83 21.98 12.36 21.67
C ARG B 83 21.05 11.37 20.99
N ALA B 84 20.60 10.35 21.72
CA ALA B 84 19.67 9.37 21.14
C ALA B 84 18.34 10.03 20.79
N ARG B 85 17.85 10.91 21.66
CA ARG B 85 16.59 11.59 21.38
C ARG B 85 16.70 12.46 20.14
N LEU B 86 17.80 13.20 19.99
CA LEU B 86 18.01 14.00 18.79
C LEU B 86 18.11 13.12 17.55
N GLY B 87 18.80 11.98 17.68
CA GLY B 87 18.94 11.09 16.54
C GLY B 87 17.60 10.54 16.06
N ASP B 88 16.74 10.14 17.01
CA ASP B 88 15.45 9.62 16.59
C ASP B 88 14.51 10.73 16.12
N TRP B 89 14.65 11.94 16.67
CA TRP B 89 13.86 13.06 16.19
C TRP B 89 14.25 13.43 14.76
N LEU B 90 15.53 13.30 14.42
CA LEU B 90 15.98 13.65 13.08
C LEU B 90 15.38 12.70 12.04
N HIS B 91 15.18 11.44 12.40
CA HIS B 91 14.68 10.44 11.46
C HIS B 91 13.15 10.35 11.43
N GLY B 92 12.46 11.20 12.18
CA GLY B 92 11.01 11.21 12.19
C GLY B 92 10.36 10.26 13.15
N VAL B 93 11.13 9.55 13.98
CA VAL B 93 10.55 8.66 14.97
C VAL B 93 9.76 9.46 15.99
N ARG B 94 10.33 10.57 16.46
CA ARG B 94 9.69 11.42 17.45
C ARG B 94 9.14 12.67 16.77
N VAL B 95 7.86 12.97 17.00
CA VAL B 95 7.22 14.13 16.38
C VAL B 95 7.21 15.34 17.29
N SER B 96 7.40 15.18 18.60
CA SER B 96 7.38 16.28 19.53
C SER B 96 8.73 16.98 19.56
N ALA B 103 20.00 20.31 30.26
CA ALA B 103 19.85 18.88 30.10
C ALA B 103 18.92 18.30 31.16
N GLN B 104 17.80 18.97 31.39
CA GLN B 104 16.80 18.53 32.36
C GLN B 104 15.62 17.82 31.72
N ALA B 105 15.73 17.43 30.45
CA ALA B 105 14.65 16.76 29.74
C ALA B 105 14.34 15.38 30.32
N LEU B 106 15.27 14.77 31.05
CA LEU B 106 15.05 13.45 31.60
C LEU B 106 13.85 13.44 32.54
N GLN B 107 13.71 14.47 33.37
CA GLN B 107 12.53 14.60 34.20
C GLN B 107 11.29 14.92 33.38
N ASP B 108 11.44 15.63 32.27
CA ASP B 108 10.29 16.01 31.45
C ASP B 108 9.66 14.78 30.81
N GLU B 109 10.48 13.92 30.21
CA GLU B 109 10.02 12.64 29.67
C GLU B 109 10.65 11.53 30.50
N PRO B 110 9.90 10.87 31.38
CA PRO B 110 10.52 9.91 32.31
C PRO B 110 11.23 8.79 31.59
N VAL B 111 12.38 8.39 32.14
CA VAL B 111 13.15 7.30 31.57
C VAL B 111 12.58 5.97 32.03
N VAL B 112 12.81 4.93 31.23
CA VAL B 112 12.30 3.60 31.52
C VAL B 112 13.46 2.62 31.49
N GLU B 113 13.26 1.49 32.18
CA GLU B 113 14.35 0.52 32.32
C GLU B 113 14.77 -0.06 30.97
N ALA B 114 13.80 -0.35 30.10
CA ALA B 114 14.13 -0.94 28.80
C ALA B 114 14.98 0.00 27.97
N GLU B 115 14.56 1.26 27.86
CA GLU B 115 15.30 2.21 27.04
C GLU B 115 16.67 2.53 27.63
N ARG B 116 16.76 2.64 28.96
CA ARG B 116 18.04 2.87 29.60
C ARG B 116 19.00 1.71 29.37
N LEU B 117 18.51 0.48 29.50
CA LEU B 117 19.36 -0.67 29.24
C LEU B 117 19.80 -0.72 27.78
N ARG B 118 18.89 -0.39 26.86
CA ARG B 118 19.26 -0.37 25.46
C ARG B 118 20.34 0.67 25.18
N LEU B 119 20.21 1.86 25.80
CA LEU B 119 21.22 2.90 25.59
C LEU B 119 22.57 2.48 26.17
N ILE B 120 22.58 1.85 27.34
CA ILE B 120 23.84 1.38 27.90
C ILE B 120 24.46 0.31 27.01
N TYR B 121 23.65 -0.60 26.48
CA TYR B 121 24.16 -1.61 25.57
C TYR B 121 24.73 -0.98 24.30
N LEU B 122 24.05 0.05 23.78
CA LEU B 122 24.59 0.76 22.61
C LEU B 122 25.92 1.42 22.93
N MET B 123 26.02 2.06 24.10
CA MET B 123 27.28 2.68 24.50
C MET B 123 28.39 1.64 24.58
N ILE B 124 28.07 0.44 25.06
CA ILE B 124 29.06 -0.63 25.14
C ILE B 124 29.44 -1.10 23.73
N THR B 125 28.48 -1.15 22.81
CA THR B 125 28.67 -1.80 21.52
C THR B 125 28.98 -0.84 20.37
N LYS B 126 28.47 0.39 20.41
CA LYS B 126 28.63 1.29 19.28
C LYS B 126 30.11 1.61 19.06
N PRO B 127 30.55 1.75 17.80
CA PRO B 127 31.97 2.01 17.53
C PRO B 127 32.46 3.35 18.04
N HIS B 128 33.77 3.61 17.87
CA HIS B 128 34.39 4.79 18.44
C HIS B 128 33.83 6.08 17.83
N ASN B 129 33.69 6.12 16.52
CA ASN B 129 33.34 7.35 15.81
C ASN B 129 31.87 7.73 15.95
N GLU B 130 31.10 7.04 16.81
CA GLU B 130 29.70 7.35 17.01
C GLU B 130 29.36 7.60 18.48
N GLY B 131 30.34 7.83 19.34
CA GLY B 131 30.14 8.13 20.73
C GLY B 131 30.32 6.95 21.66
N GLY B 132 30.37 5.73 21.12
CA GLY B 132 30.56 4.54 21.92
C GLY B 132 31.98 4.02 21.87
N ALA B 133 32.17 2.83 22.45
CA ALA B 133 33.44 2.13 22.44
C ALA B 133 33.16 0.67 22.05
N GLY B 134 33.15 0.41 20.74
CA GLY B 134 32.74 -0.88 20.22
C GLY B 134 33.57 -2.06 20.69
N VAL B 135 32.98 -2.91 21.53
CA VAL B 135 33.66 -4.09 22.05
C VAL B 135 32.81 -5.31 21.70
N THR B 136 32.21 -5.28 20.50
CA THR B 136 31.37 -6.39 20.08
C THR B 136 32.19 -7.69 20.07
N PRO B 137 31.59 -8.82 20.43
CA PRO B 137 32.38 -10.02 20.75
C PRO B 137 32.71 -10.91 19.56
N THR B 138 32.54 -10.43 18.33
CA THR B 138 32.67 -11.29 17.16
C THR B 138 33.86 -10.99 16.29
N ASN B 139 34.01 -9.75 15.82
CA ASN B 139 34.98 -9.47 14.77
C ASN B 139 36.34 -9.02 15.29
N ALA B 140 36.36 -8.28 16.39
CA ALA B 140 37.60 -7.66 16.84
C ALA B 140 38.51 -8.68 17.52
N LYS B 141 39.58 -8.17 18.13
CA LYS B 141 40.56 -9.04 18.80
C LYS B 141 39.94 -9.78 19.98
N TRP B 142 39.06 -9.13 20.73
CA TRP B 142 38.41 -9.74 21.88
C TRP B 142 37.36 -10.74 21.39
N LYS B 143 37.86 -11.91 20.96
CA LYS B 143 37.00 -13.03 20.62
C LYS B 143 36.64 -13.88 21.83
N HIS B 144 37.27 -13.63 22.99
CA HIS B 144 36.96 -14.39 24.19
C HIS B 144 35.58 -14.02 24.74
N VAL B 145 35.18 -12.76 24.61
CA VAL B 145 33.85 -12.35 25.03
C VAL B 145 32.82 -13.11 24.22
N GLU B 146 31.82 -13.67 24.90
CA GLU B 146 30.77 -14.39 24.20
C GLU B 146 29.35 -14.08 24.67
N SER B 147 29.17 -13.32 25.75
CA SER B 147 27.82 -13.04 26.24
C SER B 147 27.82 -11.73 27.02
N ILE B 148 26.94 -10.82 26.62
CA ILE B 148 26.65 -9.60 27.38
C ILE B 148 25.15 -9.57 27.62
N PHE B 149 24.75 -9.67 28.88
CA PHE B 149 23.34 -9.80 29.22
C PHE B 149 23.01 -8.94 30.44
N PRO B 150 21.78 -8.44 30.52
CA PRO B 150 21.33 -7.77 31.75
C PRO B 150 20.93 -8.81 32.79
N LEU B 151 20.49 -8.33 33.95
CA LEU B 151 20.17 -9.18 35.07
C LEU B 151 18.67 -9.21 35.33
N HIS B 152 18.19 -10.37 35.77
CA HIS B 152 16.77 -10.56 36.05
C HIS B 152 16.38 -9.93 37.38
N SER B 153 15.08 -9.71 37.54
CA SER B 153 14.50 -9.20 38.78
C SER B 153 13.56 -10.26 39.33
N HIS B 154 13.93 -10.86 40.46
CA HIS B 154 13.14 -11.96 41.00
C HIS B 154 11.81 -11.48 41.57
N SER B 155 11.81 -10.34 42.27
CA SER B 155 10.57 -9.84 42.85
C SER B 155 9.56 -9.51 41.77
N PHE B 156 9.99 -8.81 40.73
CA PHE B 156 9.09 -8.46 39.64
C PHE B 156 8.61 -9.70 38.90
N ASN B 157 9.49 -10.67 38.70
CA ASN B 157 9.08 -11.90 38.02
C ASN B 157 8.03 -12.65 38.83
N LYS B 158 8.24 -12.76 40.14
CA LYS B 158 7.26 -13.46 40.97
C LYS B 158 5.93 -12.74 40.97
N GLU B 159 5.96 -11.40 41.11
CA GLU B 159 4.70 -10.64 41.08
C GLU B 159 4.00 -10.78 39.74
N TRP B 160 4.77 -10.74 38.64
CA TRP B 160 4.19 -10.85 37.31
C TRP B 160 3.53 -12.21 37.11
N ILE B 161 4.21 -13.28 37.51
CA ILE B 161 3.64 -14.61 37.37
C ILE B 161 2.39 -14.75 38.21
N LYS B 162 2.43 -14.28 39.46
CA LYS B 162 1.28 -14.40 40.35
C LYS B 162 0.10 -13.61 39.80
N LYS B 163 0.34 -12.42 39.27
CA LYS B 163 -0.75 -11.60 38.75
C LYS B 163 -1.34 -12.22 37.48
N TRP B 164 -0.49 -12.72 36.58
CA TRP B 164 -1.00 -13.26 35.33
C TRP B 164 -1.65 -14.62 35.50
N SER B 165 -1.33 -15.36 36.56
CA SER B 165 -1.94 -16.66 36.76
C SER B 165 -3.24 -16.60 37.55
N SER B 166 -3.70 -15.39 37.91
CA SER B 166 -4.94 -15.25 38.68
C SER B 166 -5.90 -14.24 38.04
N LYS B 167 -5.87 -14.11 36.72
CA LYS B 167 -6.80 -13.23 36.01
C LYS B 167 -7.35 -13.97 34.79
N TYR B 168 -8.60 -13.67 34.45
CA TYR B 168 -9.20 -14.29 33.27
C TYR B 168 -8.69 -13.66 31.99
N THR B 169 -8.38 -12.36 32.03
CA THR B 169 -7.88 -11.65 30.85
C THR B 169 -6.79 -10.68 31.28
N LEU B 170 -6.06 -10.17 30.30
CA LEU B 170 -5.01 -9.19 30.52
C LEU B 170 -5.40 -7.88 29.85
N GLU B 171 -5.42 -6.80 30.63
CA GLU B 171 -5.76 -5.49 30.10
C GLU B 171 -4.51 -4.84 29.51
N GLN B 172 -4.69 -3.65 28.91
CA GLN B 172 -3.58 -2.95 28.29
C GLN B 172 -2.50 -2.55 29.29
N THR B 173 -2.85 -2.43 30.58
CA THR B 173 -1.86 -2.03 31.58
C THR B 173 -0.76 -3.08 31.71
N ASP B 174 -1.12 -4.36 31.67
CA ASP B 174 -0.11 -5.40 31.80
C ASP B 174 0.84 -5.42 30.59
N ILE B 175 0.30 -5.23 29.39
CA ILE B 175 1.15 -5.15 28.21
C ILE B 175 2.05 -3.92 28.28
N ASP B 176 1.52 -2.81 28.81
CA ASP B 176 2.35 -1.62 28.99
C ASP B 176 3.47 -1.86 29.99
N ASN B 177 3.19 -2.59 31.07
CA ASN B 177 4.24 -2.94 32.02
C ASN B 177 5.29 -3.83 31.38
N ILE B 178 4.86 -4.78 30.56
CA ILE B 178 5.81 -5.62 29.83
C ILE B 178 6.67 -4.78 28.91
N ARG B 179 6.07 -3.80 28.22
CA ARG B 179 6.84 -2.91 27.37
C ARG B 179 7.85 -2.11 28.18
N ASP B 180 7.44 -1.63 29.35
CA ASP B 180 8.33 -0.85 30.19
C ASP B 180 9.54 -1.67 30.64
N LYS B 181 9.31 -2.93 31.00
CA LYS B 181 10.37 -3.73 31.60
C LYS B 181 11.22 -4.46 30.56
N PHE B 182 10.60 -5.32 29.74
CA PHE B 182 11.33 -6.24 28.88
C PHE B 182 11.55 -5.72 27.47
N GLY B 183 11.13 -4.51 27.15
CA GLY B 183 11.37 -3.96 25.83
C GLY B 183 10.13 -3.96 24.96
N GLU B 184 10.34 -3.67 23.69
CA GLU B 184 9.23 -3.55 22.74
C GLU B 184 8.91 -4.83 21.99
N SER B 185 9.92 -5.65 21.68
CA SER B 185 9.67 -6.87 20.92
C SER B 185 8.79 -7.84 21.71
N VAL B 186 9.13 -8.05 22.98
CA VAL B 186 8.35 -8.95 23.82
C VAL B 186 6.93 -8.41 23.98
N ALA B 187 6.80 -7.10 24.17
CA ALA B 187 5.48 -6.50 24.33
C ALA B 187 4.63 -6.69 23.07
N PHE B 188 5.24 -6.49 21.90
CA PHE B 188 4.50 -6.70 20.66
C PHE B 188 4.09 -8.17 20.51
N TYR B 189 4.98 -9.09 20.85
CA TYR B 189 4.61 -10.50 20.75
C TYR B 189 3.45 -10.83 21.67
N PHE B 190 3.49 -10.33 22.90
CA PHE B 190 2.41 -10.64 23.84
C PHE B 190 1.11 -10.00 23.43
N ALA B 191 1.15 -8.78 22.89
CA ALA B 191 -0.06 -8.15 22.39
C ALA B 191 -0.65 -8.93 21.22
N PHE B 192 0.21 -9.39 20.31
CA PHE B 192 -0.27 -10.18 19.18
C PHE B 192 -0.89 -11.50 19.66
N LEU B 193 -0.25 -12.15 20.63
CA LEU B 193 -0.81 -13.40 21.15
C LEU B 193 -2.15 -13.15 21.83
N ARG B 194 -2.27 -12.06 22.59
CA ARG B 194 -3.54 -11.77 23.24
C ARG B 194 -4.63 -11.49 22.23
N SER B 195 -4.33 -10.71 21.19
CA SER B 195 -5.32 -10.42 20.16
C SER B 195 -5.73 -11.70 19.43
N TYR B 196 -4.75 -12.57 19.13
CA TYR B 196 -5.06 -13.83 18.46
C TYR B 196 -5.95 -14.71 19.33
N PHE B 197 -5.64 -14.79 20.62
CA PHE B 197 -6.44 -15.61 21.53
C PHE B 197 -7.85 -15.07 21.65
N ARG B 198 -8.01 -13.75 21.72
CA ARG B 198 -9.34 -13.17 21.84
C ARG B 198 -10.13 -13.31 20.54
N PHE B 199 -9.46 -13.29 19.39
CA PHE B 199 -10.16 -13.46 18.13
C PHE B 199 -10.43 -14.93 17.80
N LEU B 200 -9.75 -15.86 18.46
CA LEU B 200 -9.98 -17.27 18.21
C LEU B 200 -11.32 -17.76 18.75
N VAL B 201 -12.03 -16.94 19.52
CA VAL B 201 -13.31 -17.37 20.09
C VAL B 201 -14.33 -17.61 18.98
N ILE B 202 -14.39 -16.71 18.00
CA ILE B 202 -15.38 -16.86 16.93
C ILE B 202 -15.21 -18.15 16.13
N PRO B 203 -13.99 -18.51 15.67
CA PRO B 203 -13.84 -19.80 14.98
C PRO B 203 -14.26 -20.98 15.86
N SER B 204 -14.00 -20.90 17.16
CA SER B 204 -14.38 -21.99 18.05
C SER B 204 -15.89 -22.16 18.12
N ALA B 205 -16.62 -21.06 18.29
CA ALA B 205 -18.07 -21.14 18.33
C ALA B 205 -18.63 -21.61 16.98
N PHE B 206 -18.06 -21.11 15.88
CA PHE B 206 -18.51 -21.53 14.56
C PHE B 206 -18.27 -23.02 14.35
N GLY B 207 -17.11 -23.51 14.76
CA GLY B 207 -16.82 -24.93 14.62
C GLY B 207 -17.71 -25.80 15.48
N PHE B 208 -17.99 -25.36 16.70
CA PHE B 208 -18.92 -26.11 17.55
C PHE B 208 -20.31 -26.15 16.93
N GLY B 209 -20.76 -25.03 16.38
CA GLY B 209 -22.06 -25.01 15.73
C GLY B 209 -22.11 -25.91 14.51
N ALA B 210 -21.04 -25.92 13.72
CA ALA B 210 -21.00 -26.77 12.54
C ALA B 210 -20.91 -28.25 12.91
N TRP B 211 -20.19 -28.58 13.98
CA TRP B 211 -20.06 -29.96 14.41
C TRP B 211 -21.31 -30.49 15.08
N LEU B 212 -22.07 -29.62 15.74
CA LEU B 212 -23.26 -30.08 16.44
C LEU B 212 -24.41 -30.42 15.50
N LEU B 213 -24.63 -29.60 14.48
CA LEU B 213 -25.80 -29.79 13.63
C LEU B 213 -25.49 -29.87 12.15
N LEU B 214 -24.51 -29.11 11.66
CA LEU B 214 -24.30 -28.98 10.23
C LEU B 214 -23.75 -30.26 9.58
N GLY B 215 -23.14 -31.14 10.36
CA GLY B 215 -22.60 -32.37 9.81
C GLY B 215 -21.10 -32.33 9.62
N GLN B 216 -20.65 -32.52 8.38
CA GLN B 216 -19.23 -32.52 8.06
C GLN B 216 -19.01 -31.99 6.66
N PHE B 217 -17.87 -31.31 6.47
CA PHE B 217 -17.45 -30.80 5.17
C PHE B 217 -18.50 -29.86 4.57
N SER B 218 -18.69 -28.74 5.25
CA SER B 218 -19.67 -27.73 4.86
C SER B 218 -18.98 -26.54 4.20
N TYR B 219 -19.52 -26.12 3.05
CA TYR B 219 -18.96 -24.95 2.36
C TYR B 219 -19.12 -23.69 3.18
N LEU B 220 -20.23 -23.59 3.92
CA LEU B 220 -20.47 -22.40 4.75
C LEU B 220 -19.37 -22.21 5.77
N TYR B 221 -18.91 -23.29 6.40
CA TYR B 221 -17.84 -23.17 7.37
C TYR B 221 -16.55 -22.67 6.72
N ALA B 222 -16.26 -23.14 5.50
CA ALA B 222 -15.07 -22.67 4.80
C ALA B 222 -15.15 -21.17 4.51
N LEU B 223 -16.31 -20.71 4.04
CA LEU B 223 -16.47 -19.29 3.78
C LEU B 223 -16.33 -18.47 5.06
N LEU B 224 -16.91 -18.96 6.15
CA LEU B 224 -16.82 -18.24 7.42
C LEU B 224 -15.39 -18.19 7.92
N CYS B 225 -14.62 -19.28 7.75
CA CYS B 225 -13.23 -19.28 8.14
C CYS B 225 -12.42 -18.28 7.32
N GLY B 226 -12.67 -18.22 6.01
CA GLY B 226 -11.97 -17.24 5.19
C GLY B 226 -12.28 -15.82 5.63
N LEU B 227 -13.55 -15.52 5.87
CA LEU B 227 -13.94 -14.19 6.32
C LEU B 227 -13.30 -13.85 7.66
N TRP B 228 -13.29 -14.81 8.59
CA TRP B 228 -12.68 -14.56 9.90
C TRP B 228 -11.18 -14.29 9.77
N SER B 229 -10.49 -15.05 8.92
CA SER B 229 -9.06 -14.81 8.73
C SER B 229 -8.80 -13.41 8.19
N VAL B 230 -9.59 -12.99 7.20
CA VAL B 230 -9.41 -11.65 6.64
C VAL B 230 -9.65 -10.59 7.71
N VAL B 231 -10.73 -10.73 8.47
CA VAL B 231 -11.08 -9.73 9.48
C VAL B 231 -10.00 -9.66 10.55
N PHE B 232 -9.53 -10.82 11.01
CA PHE B 232 -8.50 -10.83 12.04
C PHE B 232 -7.22 -10.18 11.54
N PHE B 233 -6.80 -10.49 10.31
CA PHE B 233 -5.57 -9.91 9.79
C PHE B 233 -5.66 -8.40 9.71
N GLU B 234 -6.77 -7.88 9.15
CA GLU B 234 -6.89 -6.44 9.00
C GLU B 234 -6.98 -5.74 10.36
N TYR B 235 -7.75 -6.31 11.29
CA TYR B 235 -7.85 -5.70 12.61
C TYR B 235 -6.51 -5.72 13.33
N TRP B 236 -5.73 -6.79 13.17
CA TRP B 236 -4.42 -6.82 13.78
C TRP B 236 -3.51 -5.76 13.18
N LYS B 237 -3.58 -5.54 11.86
CA LYS B 237 -2.77 -4.48 11.26
C LYS B 237 -3.13 -3.12 11.85
N LYS B 238 -4.44 -2.84 11.97
CA LYS B 238 -4.86 -1.57 12.54
C LYS B 238 -4.39 -1.44 14.00
N GLN B 239 -4.54 -2.51 14.78
CA GLN B 239 -4.14 -2.44 16.18
C GLN B 239 -2.64 -2.25 16.34
N GLU B 240 -1.85 -2.89 15.48
CA GLU B 240 -0.41 -2.73 15.57
C GLU B 240 0.02 -1.33 15.16
N VAL B 241 -0.67 -0.73 14.18
CA VAL B 241 -0.37 0.67 13.83
C VAL B 241 -0.67 1.57 15.03
N ASP B 242 -1.82 1.36 15.68
CA ASP B 242 -2.18 2.16 16.84
C ASP B 242 -1.17 1.99 17.97
N LEU B 243 -0.74 0.74 18.23
CA LEU B 243 0.22 0.49 19.30
C LEU B 243 1.57 1.14 18.99
N ALA B 244 2.01 1.04 17.73
CA ALA B 244 3.28 1.66 17.37
C ALA B 244 3.23 3.17 17.53
N VAL B 245 2.09 3.78 17.17
CA VAL B 245 1.96 5.23 17.37
C VAL B 245 1.96 5.57 18.85
N GLN B 246 1.25 4.77 19.67
CA GLN B 246 1.11 5.10 21.08
C GLN B 246 2.44 5.07 21.82
N TRP B 247 3.29 4.10 21.50
CA TRP B 247 4.57 3.95 22.20
C TRP B 247 5.66 4.86 21.64
N GLY B 248 5.36 5.67 20.64
CA GLY B 248 6.37 6.54 20.06
C GLY B 248 7.49 5.82 19.35
N VAL B 249 7.21 4.66 18.77
CA VAL B 249 8.20 3.89 18.03
C VAL B 249 7.69 3.68 16.61
N ARG B 250 6.94 4.64 16.10
CA ARG B 250 6.39 4.55 14.75
C ARG B 250 7.44 5.00 13.74
N GLY B 251 7.89 4.07 12.89
CA GLY B 251 8.88 4.37 11.89
C GLY B 251 10.29 3.97 12.22
N VAL B 252 10.51 3.21 13.30
CA VAL B 252 11.85 2.75 13.63
C VAL B 252 12.36 1.74 12.62
N SER B 253 11.46 1.08 11.88
CA SER B 253 11.89 0.14 10.86
C SER B 253 12.68 0.79 9.74
N SER B 254 12.52 2.11 9.54
CA SER B 254 13.23 2.80 8.48
C SER B 254 14.68 3.12 8.85
N ILE B 255 15.05 2.97 10.11
CA ILE B 255 16.43 3.21 10.54
C ILE B 255 17.22 1.93 10.36
N GLN B 256 18.33 2.01 9.63
CA GLN B 256 19.17 0.85 9.36
C GLN B 256 20.27 0.74 10.42
N GLN B 257 20.49 -0.48 10.89
CA GLN B 257 21.53 -0.77 11.87
C GLN B 257 22.57 -1.68 11.22
N SER B 258 23.83 -1.25 11.24
CA SER B 258 24.88 -2.02 10.59
C SER B 258 25.22 -3.26 11.40
N ARG B 259 25.50 -4.35 10.69
CA ARG B 259 25.82 -5.62 11.33
C ARG B 259 27.32 -5.70 11.59
N PRO B 260 27.76 -5.90 12.83
CA PRO B 260 29.20 -5.98 13.10
C PRO B 260 29.91 -7.11 12.37
N GLU B 261 29.21 -8.22 12.10
CA GLU B 261 29.82 -9.37 11.45
C GLU B 261 29.92 -9.21 9.94
N PHE B 262 29.38 -8.13 9.39
CA PHE B 262 29.40 -7.92 7.94
C PHE B 262 30.83 -7.80 7.45
N GLU B 263 31.14 -8.49 6.36
CA GLU B 263 32.47 -8.47 5.77
C GLU B 263 32.46 -7.70 4.46
N TRP B 264 33.53 -6.96 4.21
CA TRP B 264 33.64 -6.16 3.00
C TRP B 264 34.95 -6.49 2.30
N GLU B 265 34.94 -6.30 0.98
CA GLU B 265 36.14 -6.51 0.17
C GLU B 265 36.65 -5.18 -0.36
N HIS B 266 35.78 -4.42 -0.99
CA HIS B 266 36.15 -3.10 -1.52
C HIS B 266 35.37 -2.02 -0.77
N GLU B 267 36.02 -0.90 -0.50
CA GLU B 267 35.41 0.20 0.24
C GLU B 267 35.32 1.43 -0.67
N ALA B 268 34.13 2.03 -0.74
CA ALA B 268 33.87 3.20 -1.57
C ALA B 268 33.29 4.33 -0.73
N GLU B 269 32.88 5.38 -1.42
CA GLU B 269 32.30 6.54 -0.76
C GLU B 269 30.81 6.67 -1.07
N GLU B 275 29.77 10.33 2.95
CA GLU B 275 30.10 9.32 3.95
C GLU B 275 30.55 8.03 3.28
N PRO B 276 31.59 7.40 3.83
CA PRO B 276 32.09 6.13 3.27
C PRO B 276 31.31 4.94 3.84
N VAL B 277 30.83 4.07 2.94
CA VAL B 277 30.10 2.86 3.33
C VAL B 277 30.72 1.68 2.60
N LYS B 278 30.88 0.57 3.31
CA LYS B 278 31.43 -0.65 2.72
C LYS B 278 30.43 -1.24 1.73
N VAL B 279 30.95 -1.78 0.63
CA VAL B 279 30.14 -2.35 -0.44
C VAL B 279 30.60 -3.78 -0.69
N TYR B 280 29.63 -4.69 -0.77
CA TYR B 280 29.88 -6.09 -1.07
C TYR B 280 29.46 -6.39 -2.50
N PRO B 281 30.27 -7.10 -3.28
CA PRO B 281 29.89 -7.43 -4.66
C PRO B 281 28.62 -8.26 -4.69
N PRO B 282 27.54 -7.73 -5.28
CA PRO B 282 26.27 -8.47 -5.28
C PRO B 282 26.34 -9.81 -5.99
N MET B 283 27.29 -10.00 -6.90
CA MET B 283 27.39 -11.26 -7.62
C MET B 283 27.68 -12.42 -6.67
N LYS B 284 28.56 -12.20 -5.70
CA LYS B 284 28.83 -13.24 -4.70
C LYS B 284 27.59 -13.54 -3.86
N ARG B 285 26.83 -12.49 -3.51
CA ARG B 285 25.61 -12.71 -2.75
C ARG B 285 24.60 -13.55 -3.53
N VAL B 286 24.44 -13.27 -4.83
CA VAL B 286 23.51 -14.05 -5.63
C VAL B 286 24.03 -15.47 -5.80
N LYS B 287 25.35 -15.63 -5.96
CA LYS B 287 25.93 -16.96 -6.07
C LYS B 287 25.66 -17.79 -4.83
N THR B 288 25.78 -17.18 -3.65
CA THR B 288 25.47 -17.89 -2.42
C THR B 288 23.97 -18.14 -2.28
N GLN B 289 23.15 -17.20 -2.73
CA GLN B 289 21.70 -17.35 -2.63
C GLN B 289 21.20 -18.51 -3.48
N LEU B 290 21.77 -18.70 -4.67
CA LEU B 290 21.34 -19.80 -5.52
C LEU B 290 21.63 -21.17 -4.92
N LEU B 291 22.46 -21.26 -3.87
CA LEU B 291 22.64 -22.53 -3.18
C LEU B 291 21.39 -22.95 -2.42
N GLN B 292 20.45 -22.04 -2.21
CA GLN B 292 19.22 -22.36 -1.49
C GLN B 292 18.36 -23.38 -2.25
N ILE B 293 18.30 -23.28 -3.57
CA ILE B 293 17.42 -24.15 -4.34
C ILE B 293 17.77 -25.63 -4.18
N PRO B 294 19.02 -26.06 -4.32
CA PRO B 294 19.32 -27.48 -4.06
C PRO B 294 18.98 -27.91 -2.65
N PHE B 295 19.16 -27.02 -1.67
CA PHE B 295 18.78 -27.33 -0.30
C PHE B 295 17.29 -27.61 -0.18
N ALA B 296 16.46 -26.75 -0.77
CA ALA B 296 15.02 -26.94 -0.72
C ALA B 296 14.61 -28.21 -1.45
N LEU B 297 15.22 -28.47 -2.62
CA LEU B 297 14.86 -29.67 -3.38
C LEU B 297 15.21 -30.92 -2.60
N ALA B 298 16.41 -30.97 -2.01
CA ALA B 298 16.80 -32.14 -1.23
C ALA B 298 15.89 -32.33 -0.02
N CYS B 299 15.58 -31.23 0.68
CA CYS B 299 14.70 -31.33 1.84
C CYS B 299 13.33 -31.86 1.46
N VAL B 300 12.75 -31.32 0.39
CA VAL B 300 11.40 -31.73 0.01
C VAL B 300 11.39 -33.17 -0.48
N VAL B 301 12.44 -33.59 -1.21
CA VAL B 301 12.49 -34.97 -1.69
C VAL B 301 12.61 -35.93 -0.52
N ALA B 302 13.52 -35.65 0.41
CA ALA B 302 13.71 -36.55 1.55
C ALA B 302 12.46 -36.62 2.41
N LEU B 303 11.86 -35.47 2.71
CA LEU B 303 10.66 -35.47 3.55
C LEU B 303 9.49 -36.15 2.85
N GLY B 304 9.34 -35.94 1.54
CA GLY B 304 8.28 -36.62 0.80
C GLY B 304 8.47 -38.12 0.79
N ALA B 305 9.71 -38.58 0.61
CA ALA B 305 9.97 -40.02 0.69
C ALA B 305 9.62 -40.55 2.07
N LEU B 306 9.98 -39.81 3.12
CA LEU B 306 9.68 -40.26 4.48
C LEU B 306 8.18 -40.38 4.71
N ILE B 307 7.42 -39.35 4.33
CA ILE B 307 5.97 -39.37 4.60
C ILE B 307 5.29 -40.44 3.74
N VAL B 308 5.74 -40.61 2.50
CA VAL B 308 5.17 -41.65 1.65
C VAL B 308 5.43 -43.03 2.23
N THR B 309 6.66 -43.25 2.72
CA THR B 309 6.96 -44.54 3.35
C THR B 309 6.11 -44.77 4.58
N CYS B 310 5.94 -43.74 5.41
CA CYS B 310 5.12 -43.89 6.60
C CYS B 310 3.66 -44.20 6.25
N ASN B 311 3.12 -43.51 5.24
CA ASN B 311 1.74 -43.77 4.84
C ASN B 311 1.58 -45.15 4.24
N SER B 312 2.57 -45.60 3.46
CA SER B 312 2.52 -46.96 2.92
C SER B 312 2.54 -47.99 4.02
N LEU B 313 3.38 -47.79 5.05
CA LEU B 313 3.40 -48.70 6.17
C LEU B 313 2.07 -48.71 6.91
N GLU B 314 1.48 -47.54 7.09
CA GLU B 314 0.18 -47.47 7.77
C GLU B 314 -0.90 -48.20 6.97
N VAL B 315 -0.90 -48.02 5.65
CA VAL B 315 -1.91 -48.69 4.81
C VAL B 315 -1.69 -50.19 4.83
N PHE B 316 -0.42 -50.64 4.79
CA PHE B 316 -0.14 -52.08 4.85
C PHE B 316 -0.59 -52.66 6.19
N ILE B 317 -0.36 -51.94 7.29
CA ILE B 317 -0.81 -52.41 8.59
C ILE B 317 -2.34 -52.48 8.63
N ASN B 318 -3.00 -51.50 8.01
CA ASN B 318 -4.47 -51.51 7.94
C ASN B 318 -4.97 -52.71 7.15
N GLU B 319 -4.29 -53.03 6.04
CA GLU B 319 -4.75 -54.12 5.18
C GLU B 319 -4.68 -55.47 5.90
N VAL B 320 -3.60 -55.71 6.63
CA VAL B 320 -3.43 -56.96 7.34
C VAL B 320 -3.98 -56.85 8.76
N LEU B 332 -0.47 -45.64 14.30
CA LEU B 332 0.78 -45.66 15.05
C LEU B 332 1.97 -45.06 14.29
N PRO B 333 2.17 -45.42 13.01
CA PRO B 333 3.28 -44.80 12.27
C PRO B 333 3.18 -43.28 12.20
N THR B 334 1.96 -42.75 12.07
CA THR B 334 1.78 -41.30 12.10
C THR B 334 2.20 -40.73 13.45
N ILE B 335 1.85 -41.41 14.53
CA ILE B 335 2.27 -40.97 15.86
C ILE B 335 3.78 -40.99 15.99
N PHE B 336 4.42 -42.03 15.45
CA PHE B 336 5.88 -42.10 15.48
C PHE B 336 6.49 -40.95 14.69
N LEU B 337 5.92 -40.63 13.54
CA LEU B 337 6.42 -39.50 12.75
C LEU B 337 6.27 -38.19 13.51
N VAL B 338 5.11 -38.00 14.16
CA VAL B 338 4.87 -36.76 14.90
C VAL B 338 5.83 -36.63 16.08
N ILE B 339 6.14 -37.76 16.73
CA ILE B 339 7.04 -37.70 17.87
C ILE B 339 8.51 -37.66 17.46
N GLY B 340 8.83 -38.03 16.21
CA GLY B 340 10.21 -38.03 15.78
C GLY B 340 10.61 -36.89 14.86
N THR B 341 9.65 -36.08 14.43
CA THR B 341 10.00 -34.95 13.55
C THR B 341 10.80 -33.82 14.21
N PRO B 342 10.70 -33.54 15.51
CA PRO B 342 11.46 -32.40 16.05
C PRO B 342 12.96 -32.51 15.86
N THR B 343 13.54 -33.70 15.89
CA THR B 343 14.99 -33.84 15.71
C THR B 343 15.40 -33.43 14.30
N ILE B 344 14.68 -33.95 13.29
CA ILE B 344 14.97 -33.57 11.91
C ILE B 344 14.74 -32.08 11.71
N SER B 345 13.68 -31.54 12.33
CA SER B 345 13.43 -30.11 12.24
C SER B 345 14.59 -29.30 12.81
N GLY B 346 15.12 -29.71 13.95
CA GLY B 346 16.24 -29.00 14.53
C GLY B 346 17.49 -29.09 13.68
N VAL B 347 17.75 -30.27 13.10
CA VAL B 347 18.92 -30.41 12.24
C VAL B 347 18.81 -29.49 11.03
N LEU B 348 17.64 -29.49 10.38
CA LEU B 348 17.45 -28.60 9.23
C LEU B 348 17.52 -27.14 9.65
N MET B 349 17.05 -26.81 10.85
CA MET B 349 17.10 -25.43 11.30
C MET B 349 18.54 -24.97 11.49
N GLY B 350 19.37 -25.83 12.08
CA GLY B 350 20.78 -25.51 12.20
C GLY B 350 21.45 -25.34 10.86
N ALA B 351 21.12 -26.22 9.90
CA ALA B 351 21.68 -26.09 8.56
C ALA B 351 21.26 -24.76 7.92
N ALA B 352 19.99 -24.38 8.06
CA ALA B 352 19.51 -23.13 7.49
C ALA B 352 20.20 -21.92 8.12
N GLU B 353 20.39 -21.96 9.45
CA GLU B 353 21.07 -20.85 10.10
C GLU B 353 22.53 -20.76 9.67
N LYS B 354 23.19 -21.91 9.46
CA LYS B 354 24.55 -21.89 8.97
C LYS B 354 24.62 -21.30 7.56
N LEU B 355 23.67 -21.69 6.70
CA LEU B 355 23.65 -21.13 5.35
C LEU B 355 23.41 -19.62 5.38
N ASN B 356 22.52 -19.16 6.26
CA ASN B 356 22.27 -17.73 6.38
C ASN B 356 23.51 -16.99 6.87
N ALA B 357 24.24 -17.59 7.81
CA ALA B 357 25.48 -16.97 8.28
C ALA B 357 26.51 -16.89 7.16
N MET B 358 26.61 -17.95 6.35
CA MET B 358 27.57 -17.95 5.24
C MET B 358 27.23 -16.87 4.23
N GLU B 359 25.93 -16.70 3.93
CA GLU B 359 25.50 -15.64 3.03
C GLU B 359 25.60 -14.30 3.74
N ASN B 360 26.56 -13.49 3.31
CA ASN B 360 26.84 -12.23 4.01
C ASN B 360 25.70 -11.24 3.87
N TYR B 361 25.34 -10.59 4.97
CA TYR B 361 24.28 -9.60 4.99
C TYR B 361 24.79 -8.35 5.71
N ALA B 362 24.49 -7.19 5.15
CA ALA B 362 25.04 -5.93 5.65
C ALA B 362 24.20 -5.29 6.76
N THR B 363 22.91 -5.59 6.82
CA THR B 363 22.02 -4.95 7.78
C THR B 363 21.32 -6.01 8.62
N VAL B 364 20.92 -5.61 9.82
CA VAL B 364 20.27 -6.55 10.74
C VAL B 364 18.89 -6.94 10.23
N ASP B 365 18.11 -5.97 9.73
CA ASP B 365 16.75 -6.27 9.31
C ASP B 365 16.72 -7.25 8.15
N ALA B 366 17.61 -7.07 7.16
CA ALA B 366 17.64 -7.99 6.02
C ALA B 366 18.04 -9.39 6.45
N HIS B 367 19.04 -9.51 7.34
CA HIS B 367 19.45 -10.82 7.82
C HIS B 367 18.32 -11.50 8.58
N ASP B 368 17.63 -10.75 9.44
CA ASP B 368 16.50 -11.32 10.18
C ASP B 368 15.39 -11.75 9.23
N ALA B 369 15.10 -10.95 8.20
CA ALA B 369 14.06 -11.31 7.26
C ALA B 369 14.41 -12.58 6.50
N ALA B 370 15.66 -12.71 6.05
CA ALA B 370 16.08 -13.91 5.33
C ALA B 370 15.99 -15.13 6.23
N LEU B 371 16.46 -15.02 7.47
CA LEU B 371 16.40 -16.14 8.39
C LEU B 371 14.95 -16.54 8.66
N ILE B 372 14.08 -15.56 8.84
CA ILE B 372 12.66 -15.84 9.11
C ILE B 372 12.03 -16.53 7.91
N GLN B 373 12.36 -16.09 6.69
CA GLN B 373 11.82 -16.73 5.50
C GLN B 373 12.25 -18.19 5.42
N LYS B 374 13.53 -18.47 5.67
CA LYS B 374 13.99 -19.86 5.65
C LYS B 374 13.29 -20.69 6.72
N GLN B 375 13.17 -20.14 7.93
CA GLN B 375 12.48 -20.86 9.01
C GLN B 375 11.05 -21.18 8.60
N PHE B 376 10.34 -20.19 8.05
CA PHE B 376 8.95 -20.41 7.69
C PHE B 376 8.81 -21.45 6.60
N VAL B 377 9.68 -21.42 5.59
CA VAL B 377 9.59 -22.40 4.51
C VAL B 377 9.79 -23.80 5.06
N LEU B 378 10.84 -24.00 5.86
CA LEU B 378 11.12 -25.33 6.38
C LEU B 378 10.00 -25.83 7.27
N ASN B 379 9.51 -24.97 8.18
CA ASN B 379 8.45 -25.40 9.09
C ASN B 379 7.16 -25.66 8.36
N PHE B 380 6.82 -24.83 7.37
CA PHE B 380 5.63 -25.07 6.55
C PHE B 380 5.69 -26.44 5.90
N MET B 381 6.81 -26.73 5.23
CA MET B 381 6.94 -28.03 4.58
C MET B 381 6.77 -29.16 5.59
N THR B 382 7.53 -29.11 6.70
CA THR B 382 7.55 -30.21 7.65
C THR B 382 6.19 -30.43 8.29
N SER B 383 5.49 -29.36 8.64
CA SER B 383 4.24 -29.48 9.37
C SER B 383 3.00 -29.56 8.48
N TYR B 384 3.15 -29.42 7.17
CA TYR B 384 1.98 -29.43 6.30
C TYR B 384 2.01 -30.49 5.20
N MET B 385 3.16 -31.08 4.88
CA MET B 385 3.20 -31.99 3.74
C MET B 385 2.40 -33.25 4.00
N ALA B 386 2.37 -33.74 5.24
CA ALA B 386 1.61 -34.94 5.54
C ALA B 386 0.13 -34.74 5.27
N LEU B 387 -0.43 -33.65 5.77
CA LEU B 387 -1.84 -33.36 5.54
C LEU B 387 -2.12 -33.11 4.07
N PHE B 388 -1.21 -32.42 3.38
CA PHE B 388 -1.41 -32.18 1.95
C PHE B 388 -1.44 -33.48 1.17
N PHE B 389 -0.55 -34.41 1.49
CA PHE B 389 -0.54 -35.70 0.81
C PHE B 389 -1.80 -36.50 1.12
N THR B 390 -2.24 -36.46 2.39
CA THR B 390 -3.46 -37.18 2.75
C THR B 390 -4.68 -36.62 2.04
N ALA B 391 -4.75 -35.30 1.86
CA ALA B 391 -5.93 -34.67 1.29
C ALA B 391 -5.97 -34.66 -0.23
N PHE B 392 -4.83 -34.50 -0.89
CA PHE B 392 -4.81 -34.28 -2.34
C PHE B 392 -4.12 -35.38 -3.12
N VAL B 393 -3.73 -36.48 -2.48
CA VAL B 393 -3.11 -37.59 -3.19
C VAL B 393 -3.85 -38.88 -2.87
N TYR B 394 -4.01 -39.17 -1.57
CA TYR B 394 -4.70 -40.40 -1.17
C TYR B 394 -6.19 -40.32 -1.47
N ILE B 395 -6.79 -39.13 -1.38
CA ILE B 395 -8.22 -38.96 -1.58
C ILE B 395 -8.61 -39.04 -3.06
N PRO B 396 -8.04 -38.22 -3.96
CA PRO B 396 -8.59 -38.19 -5.33
C PRO B 396 -8.22 -39.42 -6.16
N PHE B 397 -7.00 -39.94 -6.00
CA PHE B 397 -6.61 -41.15 -6.70
C PHE B 397 -5.60 -41.91 -5.83
N GLY B 398 -6.07 -42.97 -5.20
CA GLY B 398 -5.24 -43.78 -4.33
C GLY B 398 -4.62 -44.98 -5.00
N HIS B 399 -4.55 -44.95 -6.34
CA HIS B 399 -3.98 -46.04 -7.12
C HIS B 399 -2.52 -45.80 -7.49
N ILE B 400 -1.91 -44.73 -6.99
CA ILE B 400 -0.53 -44.42 -7.36
C ILE B 400 0.50 -45.03 -6.40
N LEU B 401 0.12 -45.30 -5.16
CA LEU B 401 1.01 -45.93 -4.19
C LEU B 401 0.90 -47.46 -4.21
N HIS B 402 0.29 -48.02 -5.25
CA HIS B 402 0.22 -49.47 -5.39
C HIS B 402 1.57 -50.18 -5.34
N PRO B 403 2.64 -49.70 -6.01
CA PRO B 403 3.93 -50.39 -5.87
C PRO B 403 4.44 -50.46 -4.44
N PHE B 404 4.18 -49.43 -3.63
CA PHE B 404 4.60 -49.48 -2.23
C PHE B 404 3.89 -50.59 -1.48
N LEU B 405 2.57 -50.71 -1.67
CA LEU B 405 1.83 -51.78 -1.01
C LEU B 405 2.27 -53.16 -1.51
N ASN B 406 2.54 -53.27 -2.82
CA ASN B 406 2.99 -54.54 -3.37
C ASN B 406 4.35 -54.94 -2.79
N PHE B 407 5.26 -53.98 -2.67
CA PHE B 407 6.55 -54.27 -2.04
C PHE B 407 6.39 -54.64 -0.58
N TRP B 408 5.46 -53.97 0.12
CA TRP B 408 5.20 -54.33 1.51
C TRP B 408 4.64 -55.74 1.62
N ARG B 409 3.74 -56.12 0.71
CA ARG B 409 3.15 -57.45 0.71
C ARG B 409 4.17 -58.50 0.29
N PHE B 427 -8.66 -53.14 -2.04
CA PHE B 427 -8.16 -51.92 -1.42
C PHE B 427 -8.91 -50.70 -1.94
N GLN B 428 -9.43 -49.90 -1.03
CA GLN B 428 -10.17 -48.69 -1.37
C GLN B 428 -9.76 -47.56 -0.43
N ILE B 429 -9.98 -46.33 -0.89
CA ILE B 429 -9.64 -45.14 -0.13
C ILE B 429 -10.81 -44.73 0.75
N ASN B 430 -10.52 -44.21 1.94
CA ASN B 430 -11.56 -43.78 2.86
C ASN B 430 -11.71 -42.27 2.82
N PRO B 431 -12.82 -41.74 2.32
CA PRO B 431 -12.98 -40.28 2.26
C PRO B 431 -12.95 -39.61 3.62
N ALA B 432 -13.43 -40.28 4.67
CA ALA B 432 -13.52 -39.71 6.00
C ALA B 432 -12.25 -39.92 6.82
N ALA B 433 -11.20 -40.47 6.22
CA ALA B 433 -9.96 -40.70 6.96
C ALA B 433 -9.32 -39.41 7.44
N ILE B 434 -9.16 -38.43 6.55
CA ILE B 434 -8.38 -37.24 6.86
C ILE B 434 -8.88 -36.59 8.14
N SER B 435 -10.21 -36.48 8.28
CA SER B 435 -10.79 -35.91 9.50
C SER B 435 -10.15 -36.51 10.75
N ASN B 436 -10.27 -37.83 10.93
CA ASN B 436 -9.70 -38.43 12.13
C ASN B 436 -8.20 -38.23 12.17
N GLN B 437 -7.54 -38.34 11.01
CA GLN B 437 -6.10 -38.11 10.95
C GLN B 437 -5.77 -36.71 11.45
N MET B 438 -6.56 -35.71 11.06
CA MET B 438 -6.32 -34.36 11.53
C MET B 438 -6.36 -34.30 13.04
N PHE B 439 -7.30 -35.01 13.66
CA PHE B 439 -7.35 -35.05 15.11
C PHE B 439 -6.05 -35.63 15.67
N TYR B 440 -5.58 -36.74 15.09
CA TYR B 440 -4.35 -37.35 15.56
C TYR B 440 -3.16 -36.45 15.30
N PHE B 441 -3.33 -35.40 14.50
CA PHE B 441 -2.24 -34.46 14.26
C PHE B 441 -2.33 -33.28 15.22
N THR B 442 -3.52 -32.97 15.71
CA THR B 442 -3.66 -31.82 16.59
C THR B 442 -3.33 -32.18 18.03
N VAL B 443 -4.14 -33.05 18.64
CA VAL B 443 -4.05 -33.29 20.08
C VAL B 443 -2.66 -33.80 20.44
N THR B 444 -2.16 -34.79 19.70
CA THR B 444 -0.81 -35.29 19.94
C THR B 444 0.19 -34.15 19.96
N ALA B 445 0.15 -33.28 18.95
CA ALA B 445 1.06 -32.14 18.93
C ALA B 445 0.88 -31.29 20.19
N GLN B 446 -0.37 -30.98 20.53
CA GLN B 446 -0.63 -30.14 21.69
C GLN B 446 -0.06 -30.76 22.96
N ILE B 447 0.17 -32.06 22.94
CA ILE B 447 0.82 -32.71 24.09
C ILE B 447 2.32 -32.52 24.00
N VAL B 448 2.93 -32.90 22.88
CA VAL B 448 4.40 -32.92 22.81
C VAL B 448 4.95 -31.50 22.85
N ASN B 449 4.26 -30.56 22.20
CA ASN B 449 4.70 -29.17 22.27
C ASN B 449 4.59 -28.64 23.70
N PHE B 450 3.68 -29.19 24.50
CA PHE B 450 3.61 -28.77 25.89
C PHE B 450 4.62 -29.52 26.75
N ALA B 451 5.24 -30.58 26.21
CA ALA B 451 6.21 -31.34 26.98
C ALA B 451 7.62 -30.81 26.77
N THR B 452 8.05 -30.69 25.51
CA THR B 452 9.42 -30.28 25.22
C THR B 452 9.65 -28.80 25.48
N GLU B 453 8.59 -28.02 25.75
CA GLU B 453 8.73 -26.60 25.95
C GLU B 453 8.52 -26.16 27.40
N VAL B 454 8.00 -27.03 28.26
CA VAL B 454 7.70 -26.64 29.64
C VAL B 454 8.42 -27.55 30.64
N VAL B 455 8.10 -28.84 30.61
CA VAL B 455 8.55 -29.74 31.67
C VAL B 455 9.95 -30.29 31.41
N VAL B 456 10.25 -30.66 30.16
CA VAL B 456 11.56 -31.20 29.85
C VAL B 456 12.68 -30.21 30.15
N PRO B 457 12.59 -28.93 29.77
CA PRO B 457 13.64 -27.99 30.19
C PRO B 457 13.77 -27.87 31.70
N TYR B 458 12.66 -27.94 32.44
CA TYR B 458 12.72 -27.89 33.90
C TYR B 458 13.48 -29.10 34.45
N ILE B 459 13.19 -30.29 33.90
CA ILE B 459 13.88 -31.49 34.33
C ILE B 459 15.37 -31.40 33.99
N LYS B 460 15.70 -30.89 32.81
CA LYS B 460 17.10 -30.74 32.43
C LYS B 460 17.83 -29.78 33.36
N GLN B 461 17.18 -28.66 33.70
CA GLN B 461 17.79 -27.71 34.62
C GLN B 461 17.96 -28.31 36.01
N GLN B 462 16.98 -29.08 36.48
CA GLN B 462 17.11 -29.73 37.78
C GLN B 462 18.26 -30.74 37.78
N ALA B 463 18.40 -31.50 36.69
CA ALA B 463 19.48 -32.47 36.60
C ALA B 463 20.85 -31.78 36.56
N PHE B 464 20.96 -30.69 35.79
CA PHE B 464 22.23 -29.99 35.71
C PHE B 464 22.59 -29.33 37.04
N GLN B 465 21.61 -28.75 37.72
CA GLN B 465 21.88 -28.09 39.00
C GLN B 465 22.31 -29.09 40.06
N LYS B 466 21.66 -30.24 40.11
CA LYS B 466 21.98 -31.26 41.10
C LYS B 466 23.17 -32.10 40.66
N GLU B 482 29.93 -13.30 52.07
CA GLU B 482 28.84 -12.47 52.55
C GLU B 482 27.87 -12.13 51.43
N GLU B 483 28.38 -12.05 50.21
CA GLU B 483 27.58 -11.77 49.03
C GLU B 483 27.51 -12.99 48.11
N ALA B 484 27.81 -14.17 48.64
CA ALA B 484 27.86 -15.37 47.82
C ALA B 484 26.52 -15.73 47.20
N GLU B 485 25.42 -15.30 47.81
CA GLU B 485 24.10 -15.59 47.24
C GLU B 485 23.94 -14.94 45.88
N PHE B 486 24.26 -13.66 45.77
CA PHE B 486 24.11 -12.95 44.50
C PHE B 486 25.06 -13.50 43.45
N LEU B 487 26.30 -13.80 43.84
CA LEU B 487 27.26 -14.36 42.89
C LEU B 487 26.80 -15.73 42.40
N GLN B 488 26.29 -16.57 43.30
CA GLN B 488 25.79 -17.87 42.89
C GLN B 488 24.59 -17.72 41.95
N ARG B 489 23.69 -16.79 42.27
CA ARG B 489 22.53 -16.57 41.40
C ARG B 489 22.96 -16.14 40.01
N VAL B 490 23.91 -15.20 39.92
CA VAL B 490 24.33 -14.74 38.60
C VAL B 490 25.10 -15.84 37.86
N ARG B 491 25.85 -16.67 38.59
CA ARG B 491 26.56 -17.77 37.94
C ARG B 491 25.58 -18.78 37.36
N GLU B 492 24.52 -19.10 38.10
CA GLU B 492 23.49 -19.98 37.55
C GLU B 492 22.74 -19.33 36.40
N GLU B 493 22.55 -18.02 36.46
CA GLU B 493 21.85 -17.31 35.39
C GLU B 493 22.65 -17.28 34.10
N CYS B 494 23.98 -17.17 34.20
CA CYS B 494 24.80 -17.00 33.00
C CYS B 494 24.85 -18.24 32.12
N THR B 495 24.44 -19.40 32.63
CA THR B 495 24.49 -20.62 31.83
C THR B 495 23.26 -20.83 30.97
N LEU B 496 22.21 -20.04 31.14
CA LEU B 496 21.01 -20.20 30.36
C LEU B 496 21.21 -19.71 28.93
N GLU B 497 20.31 -20.13 28.05
CA GLU B 497 20.36 -19.72 26.65
C GLU B 497 19.58 -18.42 26.45
N GLU B 498 20.01 -17.64 25.46
CA GLU B 498 19.35 -16.38 25.17
C GLU B 498 17.94 -16.61 24.64
N TYR B 499 17.00 -15.80 25.10
CA TYR B 499 15.62 -15.94 24.68
C TYR B 499 15.44 -15.46 23.25
N ASP B 500 14.77 -16.27 22.44
CA ASP B 500 14.49 -15.95 21.05
C ASP B 500 12.98 -15.78 20.88
N VAL B 501 12.58 -14.66 20.28
CA VAL B 501 11.16 -14.39 20.10
C VAL B 501 10.64 -14.90 18.76
N SER B 502 11.51 -15.34 17.86
CA SER B 502 11.05 -15.84 16.57
C SER B 502 10.33 -17.17 16.69
N GLY B 503 10.75 -18.01 17.64
CA GLY B 503 10.15 -19.33 17.76
C GLY B 503 8.67 -19.27 18.10
N ASP B 504 8.32 -18.41 19.06
CA ASP B 504 6.92 -18.28 19.45
C ASP B 504 6.09 -17.72 18.30
N TYR B 505 6.65 -16.76 17.55
CA TYR B 505 5.97 -16.24 16.38
C TYR B 505 5.71 -17.33 15.35
N ARG B 506 6.72 -18.16 15.10
CA ARG B 506 6.57 -19.24 14.13
C ARG B 506 5.51 -20.24 14.58
N GLU B 507 5.51 -20.59 15.87
CA GLU B 507 4.52 -21.51 16.38
C GLU B 507 3.11 -20.96 16.24
N MET B 508 2.92 -19.68 16.59
CA MET B 508 1.60 -19.07 16.47
C MET B 508 1.16 -18.98 15.01
N VAL B 509 2.09 -18.65 14.11
CA VAL B 509 1.73 -18.57 12.69
C VAL B 509 1.33 -19.93 12.16
N MET B 510 2.05 -20.99 12.56
CA MET B 510 1.67 -22.33 12.12
C MET B 510 0.30 -22.74 12.67
N GLN B 511 0.02 -22.37 13.92
CA GLN B 511 -1.31 -22.64 14.47
C GLN B 511 -2.39 -21.92 13.67
N PHE B 512 -2.13 -20.65 13.32
CA PHE B 512 -3.08 -19.90 12.51
C PHE B 512 -3.28 -20.56 11.16
N GLY B 513 -2.22 -21.05 10.55
CA GLY B 513 -2.36 -21.76 9.28
C GLY B 513 -3.17 -23.02 9.40
N TYR B 514 -2.96 -23.78 10.48
CA TYR B 514 -3.79 -24.94 10.75
C TYR B 514 -5.26 -24.56 10.78
N VAL B 515 -5.60 -23.53 11.56
CA VAL B 515 -6.98 -23.09 11.65
C VAL B 515 -7.50 -22.65 10.28
N ALA B 516 -6.64 -21.99 9.50
CA ALA B 516 -7.08 -21.39 8.25
C ALA B 516 -7.41 -22.44 7.19
N MET B 517 -6.52 -23.42 7.00
CA MET B 517 -6.69 -24.34 5.87
C MET B 517 -6.91 -25.79 6.25
N PHE B 518 -7.12 -26.12 7.52
CA PHE B 518 -7.43 -27.50 7.84
C PHE B 518 -8.48 -27.65 8.94
N SER B 519 -9.18 -26.57 9.31
CA SER B 519 -10.22 -26.69 10.32
C SER B 519 -11.54 -27.17 9.74
N VAL B 520 -11.71 -27.13 8.42
CA VAL B 520 -12.97 -27.55 7.84
C VAL B 520 -13.13 -29.06 7.93
N ALA B 521 -12.02 -29.81 7.90
CA ALA B 521 -12.10 -31.25 8.06
C ALA B 521 -12.54 -31.64 9.46
N TRP B 522 -12.04 -30.93 10.48
CA TRP B 522 -12.39 -31.18 11.86
C TRP B 522 -12.80 -29.85 12.48
N PRO B 523 -14.09 -29.51 12.44
CA PRO B 523 -14.52 -28.18 12.89
C PRO B 523 -14.21 -27.87 14.35
N LEU B 524 -14.18 -28.87 15.22
CA LEU B 524 -13.90 -28.65 16.64
C LEU B 524 -12.47 -28.21 16.92
N ALA B 525 -11.56 -28.41 15.95
CA ALA B 525 -10.14 -28.17 16.19
C ALA B 525 -9.86 -26.79 16.76
N ALA B 526 -10.46 -25.74 16.20
CA ALA B 526 -10.21 -24.39 16.69
C ALA B 526 -10.43 -24.31 18.20
N CYS B 527 -11.52 -24.91 18.70
CA CYS B 527 -11.79 -24.88 20.12
C CYS B 527 -10.59 -25.35 20.93
N CYS B 528 -10.02 -26.50 20.55
CA CYS B 528 -8.85 -26.99 21.27
C CYS B 528 -7.75 -25.95 21.28
N PHE B 529 -7.44 -25.38 20.11
CA PHE B 529 -6.40 -24.37 20.04
C PHE B 529 -6.65 -23.23 21.02
N LEU B 530 -7.92 -22.80 21.13
CA LEU B 530 -8.24 -21.73 22.06
C LEU B 530 -7.72 -22.04 23.46
N VAL B 531 -8.02 -23.24 23.95
CA VAL B 531 -7.56 -23.61 25.29
C VAL B 531 -6.04 -23.51 25.36
N ASN B 532 -5.36 -24.06 24.36
CA ASN B 532 -3.90 -24.01 24.37
C ASN B 532 -3.40 -22.58 24.45
N ASN B 533 -4.06 -21.66 23.74
CA ASN B 533 -3.62 -20.27 23.78
C ASN B 533 -3.66 -19.73 25.20
N TRP B 534 -4.72 -20.04 25.94
CA TRP B 534 -4.82 -19.52 27.31
C TRP B 534 -3.67 -20.04 28.17
N VAL B 535 -3.17 -21.24 27.86
CA VAL B 535 -1.98 -21.72 28.56
C VAL B 535 -0.74 -21.00 28.05
N GLU B 536 -0.63 -20.85 26.73
CA GLU B 536 0.58 -20.29 26.15
C GLU B 536 0.85 -18.88 26.66
N LEU B 537 -0.20 -18.04 26.72
CA LEU B 537 -0.05 -16.67 27.20
C LEU B 537 0.59 -16.63 28.59
N ARG B 538 0.38 -17.68 29.38
CA ARG B 538 1.10 -17.81 30.64
C ARG B 538 2.39 -18.61 30.49
N SER B 539 2.35 -19.72 29.76
CA SER B 539 3.49 -20.63 29.72
C SER B 539 4.72 -19.95 29.15
N ASP B 540 4.58 -19.26 28.03
CA ASP B 540 5.70 -18.52 27.46
C ASP B 540 6.26 -17.53 28.48
N ALA B 541 5.39 -16.90 29.27
CA ALA B 541 5.86 -16.00 30.32
C ALA B 541 6.79 -16.74 31.27
N LEU B 542 6.39 -17.93 31.70
CA LEU B 542 7.27 -18.73 32.57
C LEU B 542 8.59 -19.02 31.88
N LYS B 543 8.55 -19.26 30.57
CA LYS B 543 9.77 -19.57 29.84
C LYS B 543 10.75 -18.40 29.88
N ILE B 544 10.23 -17.18 30.07
CA ILE B 544 11.11 -16.02 30.17
C ILE B 544 11.51 -15.80 31.62
N ALA B 545 10.71 -16.28 32.57
CA ALA B 545 10.98 -16.02 33.97
C ALA B 545 12.19 -16.78 34.47
N ILE B 546 12.27 -18.08 34.17
CA ILE B 546 13.28 -18.93 34.79
C ILE B 546 14.11 -19.66 33.75
N SER B 547 13.54 -19.89 32.57
CA SER B 547 14.16 -20.76 31.57
C SER B 547 15.00 -20.02 30.55
N SER B 548 15.16 -18.70 30.70
CA SER B 548 15.95 -17.93 29.75
C SER B 548 16.51 -16.70 30.44
N ARG B 549 17.58 -16.16 29.87
CA ARG B 549 18.13 -14.91 30.35
C ARG B 549 17.36 -13.73 29.77
N ARG B 550 17.53 -12.57 30.38
CA ARG B 550 16.79 -11.40 29.98
C ARG B 550 17.20 -10.95 28.59
N PRO B 551 16.27 -10.84 27.64
CA PRO B 551 16.64 -10.40 26.29
C PRO B 551 17.04 -8.93 26.28
N ILE B 552 17.89 -8.59 25.32
CA ILE B 552 18.33 -7.20 25.15
C ILE B 552 17.16 -6.40 24.59
N PRO B 553 16.73 -5.34 25.26
CA PRO B 553 15.56 -4.58 24.78
C PRO B 553 15.82 -3.83 23.50
N TRP B 554 15.20 -4.25 22.41
CA TRP B 554 15.30 -3.58 21.12
C TRP B 554 13.98 -2.91 20.79
N ARG B 555 13.99 -2.11 19.72
CA ARG B 555 12.80 -1.40 19.26
C ARG B 555 12.37 -1.95 17.91
N THR B 556 11.08 -2.25 17.79
CA THR B 556 10.50 -2.73 16.54
C THR B 556 9.20 -2.00 16.27
N ASP B 557 9.00 -1.60 15.01
CA ASP B 557 7.76 -0.93 14.63
C ASP B 557 6.61 -1.92 14.62
N SER B 558 6.81 -3.08 14.00
CA SER B 558 5.76 -4.08 13.85
C SER B 558 6.37 -5.46 14.12
N ILE B 559 5.56 -6.50 13.96
CA ILE B 559 6.05 -7.85 14.20
C ILE B 559 7.06 -8.29 13.15
N GLY B 560 7.07 -7.64 11.98
CA GLY B 560 8.07 -7.90 10.98
C GLY B 560 7.53 -8.57 9.74
N PRO B 561 8.31 -9.48 9.16
CA PRO B 561 7.86 -10.16 7.93
C PRO B 561 6.80 -11.21 8.16
N TRP B 562 6.31 -11.39 9.39
CA TRP B 562 5.28 -12.39 9.63
C TRP B 562 3.95 -12.00 9.01
N LEU B 563 3.76 -10.72 8.70
CA LEU B 563 2.53 -10.29 8.05
C LEU B 563 2.37 -10.94 6.68
N THR B 564 3.47 -11.01 5.93
CA THR B 564 3.43 -11.68 4.63
C THR B 564 3.09 -13.15 4.80
N ALA B 565 3.66 -13.80 5.81
CA ALA B 565 3.36 -15.20 6.05
C ALA B 565 1.89 -15.40 6.39
N LEU B 566 1.32 -14.53 7.22
CA LEU B 566 -0.10 -14.63 7.56
C LEU B 566 -0.97 -14.43 6.32
N SER B 567 -0.63 -13.45 5.48
CA SER B 567 -1.42 -13.22 4.28
C SER B 567 -1.36 -14.41 3.34
N PHE B 568 -0.17 -14.97 3.14
CA PHE B 568 -0.02 -16.13 2.27
C PHE B 568 -0.79 -17.32 2.81
N LEU B 569 -0.73 -17.54 4.12
CA LEU B 569 -1.46 -18.65 4.72
C LEU B 569 -2.96 -18.47 4.57
N SER B 570 -3.46 -17.25 4.74
CA SER B 570 -4.88 -17.00 4.56
C SER B 570 -5.32 -17.27 3.11
N TRP B 571 -4.54 -16.80 2.15
CA TRP B 571 -4.89 -17.03 0.75
C TRP B 571 -4.86 -18.52 0.42
N LEU B 572 -3.82 -19.23 0.88
CA LEU B 572 -3.75 -20.65 0.63
C LEU B 572 -4.90 -21.40 1.31
N GLY B 573 -5.31 -20.93 2.48
CA GLY B 573 -6.46 -21.54 3.14
C GLY B 573 -7.75 -21.35 2.35
N SER B 574 -7.94 -20.14 1.82
CA SER B 574 -9.12 -19.92 0.98
C SER B 574 -9.10 -20.83 -0.24
N ILE B 575 -7.92 -21.05 -0.82
CA ILE B 575 -7.84 -21.94 -1.97
C ILE B 575 -8.10 -23.40 -1.56
N THR B 576 -7.60 -23.81 -0.39
CA THR B 576 -7.52 -25.22 -0.05
C THR B 576 -8.81 -25.75 0.58
N SER B 577 -9.47 -24.94 1.43
CA SER B 577 -10.61 -25.44 2.19
C SER B 577 -11.75 -25.86 1.27
N SER B 578 -12.06 -25.04 0.26
CA SER B 578 -13.14 -25.36 -0.66
C SER B 578 -12.81 -26.62 -1.47
N ALA B 579 -11.57 -26.75 -1.92
CA ALA B 579 -11.18 -27.94 -2.66
C ALA B 579 -11.30 -29.18 -1.80
N ILE B 580 -10.89 -29.09 -0.53
CA ILE B 580 -11.03 -30.22 0.38
C ILE B 580 -12.49 -30.58 0.57
N VAL B 581 -13.35 -29.58 0.74
CA VAL B 581 -14.78 -29.82 0.91
C VAL B 581 -15.33 -30.56 -0.30
N TYR B 582 -15.04 -30.06 -1.50
CA TYR B 582 -15.57 -30.67 -2.71
C TYR B 582 -15.05 -32.09 -2.89
N LEU B 583 -13.76 -32.31 -2.62
CA LEU B 583 -13.18 -33.62 -2.86
C LEU B 583 -13.70 -34.65 -1.86
N CYS B 584 -13.77 -34.28 -0.58
CA CYS B 584 -14.21 -35.24 0.43
C CYS B 584 -15.72 -35.41 0.47
N SER B 585 -16.49 -34.47 -0.06
CA SER B 585 -17.93 -34.64 -0.11
C SER B 585 -18.37 -35.67 -1.14
N ASN B 586 -17.52 -35.95 -2.13
CA ASN B 586 -17.85 -36.93 -3.17
C ASN B 586 -17.06 -38.22 -2.98
N LYS B 599 -16.14 -34.63 -11.05
CA LYS B 599 -15.86 -33.86 -12.27
C LYS B 599 -14.87 -32.75 -11.98
N ALA B 600 -13.95 -32.53 -12.92
CA ALA B 600 -12.93 -31.49 -12.73
C ALA B 600 -13.55 -30.09 -12.80
N TRP B 601 -14.60 -29.92 -13.60
CA TRP B 601 -15.19 -28.60 -13.76
C TRP B 601 -15.82 -28.10 -12.46
N GLY B 602 -16.47 -29.00 -11.71
CA GLY B 602 -17.04 -28.60 -10.44
C GLY B 602 -15.99 -28.16 -9.44
N LEU B 603 -14.90 -28.92 -9.34
CA LEU B 603 -13.82 -28.56 -8.42
C LEU B 603 -13.19 -27.22 -8.83
N LEU B 604 -12.95 -27.02 -10.13
CA LEU B 604 -12.37 -25.77 -10.58
C LEU B 604 -13.30 -24.59 -10.29
N LEU B 605 -14.61 -24.77 -10.53
CA LEU B 605 -15.56 -23.71 -10.24
C LEU B 605 -15.59 -23.38 -8.75
N SER B 606 -15.56 -24.42 -7.90
CA SER B 606 -15.55 -24.18 -6.45
C SER B 606 -14.32 -23.41 -6.02
N ILE B 607 -13.15 -23.79 -6.53
CA ILE B 607 -11.92 -23.10 -6.18
C ILE B 607 -11.97 -21.65 -6.64
N LEU B 608 -12.43 -21.42 -7.87
CA LEU B 608 -12.50 -20.06 -8.40
C LEU B 608 -13.44 -19.20 -7.58
N PHE B 609 -14.62 -19.73 -7.25
CA PHE B 609 -15.58 -18.96 -6.47
C PHE B 609 -15.04 -18.64 -5.09
N ALA B 610 -14.39 -19.61 -4.44
CA ALA B 610 -13.84 -19.35 -3.11
C ALA B 610 -12.76 -18.28 -3.16
N GLU B 611 -11.86 -18.36 -4.16
CA GLU B 611 -10.78 -17.38 -4.25
C GLU B 611 -11.33 -15.97 -4.51
N HIS B 612 -12.32 -15.85 -5.41
CA HIS B 612 -12.84 -14.54 -5.73
C HIS B 612 -13.65 -13.97 -4.57
N PHE B 613 -14.37 -14.83 -3.85
CA PHE B 613 -15.07 -14.37 -2.64
C PHE B 613 -14.08 -13.87 -1.61
N TYR B 614 -12.95 -14.57 -1.45
CA TYR B 614 -11.91 -14.11 -0.53
C TYR B 614 -11.38 -12.74 -0.94
N LEU B 615 -11.12 -12.54 -2.23
CA LEU B 615 -10.63 -11.24 -2.70
C LEU B 615 -11.65 -10.13 -2.44
N VAL B 616 -12.92 -10.40 -2.73
CA VAL B 616 -13.96 -9.39 -2.51
C VAL B 616 -14.09 -9.06 -1.03
N VAL B 617 -14.05 -10.07 -0.18
CA VAL B 617 -14.14 -9.83 1.27
C VAL B 617 -12.95 -9.02 1.74
N GLN B 618 -11.75 -9.31 1.22
CA GLN B 618 -10.57 -8.54 1.58
C GLN B 618 -10.74 -7.08 1.22
N LEU B 619 -11.21 -6.81 0.00
CA LEU B 619 -11.42 -5.43 -0.43
C LEU B 619 -12.45 -4.73 0.45
N ALA B 620 -13.57 -5.40 0.74
CA ALA B 620 -14.62 -4.79 1.54
C ALA B 620 -14.14 -4.48 2.95
N VAL B 621 -13.40 -5.41 3.55
CA VAL B 621 -12.91 -5.20 4.92
C VAL B 621 -11.89 -4.06 4.94
N ARG B 622 -11.00 -4.00 3.96
CA ARG B 622 -10.06 -2.88 3.90
C ARG B 622 -10.79 -1.56 3.76
N PHE B 623 -11.79 -1.50 2.88
CA PHE B 623 -12.52 -0.24 2.68
C PHE B 623 -13.26 0.17 3.95
N VAL B 624 -13.88 -0.79 4.65
CA VAL B 624 -14.60 -0.46 5.87
C VAL B 624 -13.65 0.01 6.96
N LEU B 625 -12.53 -0.70 7.14
CA LEU B 625 -11.59 -0.33 8.19
C LEU B 625 -10.83 0.95 7.86
N SER B 626 -10.81 1.39 6.61
CA SER B 626 -10.20 2.67 6.28
C SER B 626 -10.99 3.86 6.81
N LYS B 627 -12.22 3.65 7.28
CA LYS B 627 -13.06 4.73 7.78
C LYS B 627 -13.25 4.68 9.29
N LEU B 628 -12.41 3.95 10.00
CA LEU B 628 -12.49 3.87 11.46
C LEU B 628 -11.48 4.81 12.12
N SER B 630 -9.02 6.11 14.18
CA SER B 630 -7.73 5.85 14.83
C SER B 630 -7.24 7.07 15.57
N PRO B 631 -7.11 6.96 16.90
CA PRO B 631 -6.65 8.12 17.69
C PRO B 631 -5.25 8.58 17.35
N GLY B 632 -4.42 7.73 16.75
CA GLY B 632 -3.07 8.14 16.41
C GLY B 632 -3.04 9.27 15.39
N LEU B 633 -3.85 9.14 14.33
CA LEU B 633 -3.92 10.20 13.34
C LEU B 633 -4.54 11.46 13.93
N GLN B 634 -5.48 11.31 14.87
CA GLN B 634 -6.05 12.47 15.54
C GLN B 634 -4.98 13.22 16.33
N LYS B 635 -4.14 12.48 17.06
CA LYS B 635 -3.05 13.12 17.80
C LYS B 635 -2.06 13.79 16.85
N GLU B 636 -1.74 13.13 15.74
CA GLU B 636 -0.81 13.72 14.78
C GLU B 636 -1.38 15.00 14.18
N ARG B 637 -2.67 14.99 13.83
CA ARG B 637 -3.31 16.19 13.29
C ARG B 637 -3.35 17.31 14.33
N LYS B 638 -3.62 16.96 15.59
CA LYS B 638 -3.62 17.96 16.65
C LYS B 638 -2.24 18.59 16.81
N GLU B 639 -1.19 17.75 16.77
CA GLU B 639 0.17 18.28 16.86
C GLU B 639 0.48 19.18 15.68
N ARG B 640 0.10 18.77 14.47
CA ARG B 640 0.37 19.58 13.28
C ARG B 640 -0.35 20.91 13.33
N PHE B 641 -1.63 20.91 13.75
CA PHE B 641 -2.38 22.15 13.86
C PHE B 641 -1.79 23.06 14.94
N GLN B 642 -1.41 22.48 16.08
CA GLN B 642 -0.82 23.28 17.15
C GLN B 642 0.51 23.88 16.72
N THR B 643 1.35 23.09 16.05
CA THR B 643 2.66 23.56 15.60
C THR B 643 2.52 24.54 14.43
N PHE B 695 -6.32 52.77 -21.32
CA PHE B 695 -7.09 51.69 -20.71
C PHE B 695 -6.89 51.67 -19.20
N TRP B 696 -5.75 52.18 -18.75
CA TRP B 696 -5.38 52.19 -17.33
C TRP B 696 -5.75 53.50 -16.66
N GLN B 697 -5.19 54.61 -17.14
CA GLN B 697 -5.31 55.91 -16.49
C GLN B 697 -6.68 56.53 -16.60
N ARG B 698 -7.51 56.12 -17.57
CA ARG B 698 -8.81 56.73 -17.75
C ARG B 698 -9.78 56.41 -16.61
N GLN B 699 -9.48 55.39 -15.81
CA GLN B 699 -10.26 55.08 -14.61
C GLN B 699 -9.28 54.76 -13.49
N ARG B 700 -8.91 55.78 -12.73
CA ARG B 700 -7.98 55.63 -11.62
C ARG B 700 -8.67 55.50 -10.27
N GLY B 701 -9.69 56.30 -10.00
CA GLY B 701 -10.41 56.21 -8.74
C GLY B 701 -11.41 55.07 -8.76
N MET B 702 -12.32 55.09 -7.80
CA MET B 702 -13.35 54.06 -7.72
C MET B 702 -14.77 54.61 -7.69
N GLN B 703 -15.01 55.83 -7.20
CA GLN B 703 -16.31 56.46 -7.42
C GLN B 703 -16.53 56.70 -8.91
N GLU B 704 -15.48 57.07 -9.63
CA GLU B 704 -15.58 57.22 -11.07
C GLU B 704 -15.92 55.91 -11.75
N THR B 705 -15.33 54.79 -11.30
CA THR B 705 -15.65 53.50 -11.88
C THR B 705 -17.13 53.17 -11.71
N ILE B 706 -17.67 53.43 -10.51
CA ILE B 706 -19.08 53.15 -10.26
C ILE B 706 -19.97 54.07 -11.08
N GLU B 707 -19.59 55.34 -11.21
CA GLU B 707 -20.39 56.26 -12.02
C GLU B 707 -20.42 55.83 -13.48
N ILE B 708 -19.27 55.42 -14.03
CA ILE B 708 -19.24 54.99 -15.42
C ILE B 708 -20.02 53.68 -15.57
N GLY B 709 -19.96 52.80 -14.57
CA GLY B 709 -20.78 51.61 -14.60
C GLY B 709 -22.27 51.92 -14.64
N ARG B 710 -22.69 52.90 -13.83
CA ARG B 710 -24.07 53.38 -13.91
C ARG B 710 -24.38 53.92 -15.30
N ARG B 711 -23.45 54.64 -15.92
CA ARG B 711 -23.70 55.16 -17.25
C ARG B 711 -23.93 54.03 -18.25
N MET B 712 -23.11 52.98 -18.17
CA MET B 712 -23.32 51.83 -19.04
C MET B 712 -24.66 51.17 -18.76
N ILE B 713 -25.02 51.01 -17.49
CA ILE B 713 -26.28 50.36 -17.16
C ILE B 713 -27.46 51.15 -17.72
N GLU B 714 -27.41 52.48 -17.60
CA GLU B 714 -28.47 53.32 -18.14
C GLU B 714 -28.52 53.24 -19.66
N GLN B 715 -27.36 53.24 -20.32
CA GLN B 715 -27.35 53.32 -21.77
C GLN B 715 -27.54 51.98 -22.48
N GLN B 716 -27.42 50.86 -21.78
CA GLN B 716 -27.70 49.57 -22.43
C GLN B 716 -29.18 49.32 -22.64
N LEU B 717 -30.06 50.12 -22.02
CA LEU B 717 -31.50 49.93 -22.21
C LEU B 717 -31.97 50.34 -23.60
N ALA B 718 -31.22 51.18 -24.30
CA ALA B 718 -31.62 51.61 -25.65
C ALA B 718 -31.39 50.49 -26.65
CA CA C . -8.90 13.94 -26.56
CA CA D . -9.59 11.44 -30.35
CA CA E . 5.47 -20.64 22.86
CA CA F . 2.94 -24.45 23.16
#